data_7KWS
#
_entry.id   7KWS
#
_cell.length_a   43.790
_cell.length_b   148.780
_cell.length_c   62.340
_cell.angle_alpha   90.000
_cell.angle_beta   107.520
_cell.angle_gamma   90.000
#
_symmetry.space_group_name_H-M   'P 1 21 1'
#
loop_
_entity.id
_entity.type
_entity.pdbx_description
1 polymer 'UDP-glucose 6-dehydrogenase'
2 non-polymer "URIDINE-5'-DIPHOSPHATE-GLUCOSE"
3 non-polymer NICOTINAMIDE-ADENINE-DINUCLEOTIDE
4 water water
#
_entity_poly.entity_id   1
_entity_poly.type   'polypeptide(L)'
_entity_poly.pdbx_seq_one_letter_code
;MKIVIVGIGYVGLANAILFSKNNENEVVLLDIDENKIQSINNHKSPIKDKLIEKFFVQNISKLHATSNIKEAYFNADFAV
IATPTDYDEQLNFFDTRSIENVLKDIKNINSKINVIIKSTVPIGYTKTIKQKFNMSNIVFSPEFLREGSALYDSLYPSRI
IIGDKSVLGKTIGDLFLKNIEKKNVDIFYMDSDEAESVKLFSNTYLAMRVGFFNEVDSYARKHNLNSADIIKGISADDRI
GKYYNNPSFGYGGYCLPKDTKQLLANFYNIPNSLIKAIVETNEIRKKFITQLILEKKPNILGIYRLIMKQNSDNFRNSVI
IDIIKYLQEYNSNIELIIYEPLVKEKKFLNIKVENDFNVFGAKVDLIIANRFDDKLKEIKDKVFSADVFYTDI
;
_entity_poly.pdbx_strand_id   A,B
#
loop_
_chem_comp.id
_chem_comp.type
_chem_comp.name
_chem_comp.formula
NAD non-polymer NICOTINAMIDE-ADENINE-DINUCLEOTIDE 'C21 H27 N7 O14 P2'
UPG non-polymer URIDINE-5'-DIPHOSPHATE-GLUCOSE 'C15 H24 N2 O17 P2'
#
# COMPACT_ATOMS: atom_id res chain seq x y z
N MET A 1 -3.29 -5.13 39.80
CA MET A 1 -3.31 -6.55 40.18
C MET A 1 -4.68 -7.20 40.03
N LYS A 2 -5.74 -6.40 40.07
CA LYS A 2 -7.06 -6.85 39.65
C LYS A 2 -7.47 -6.10 38.39
N ILE A 3 -7.65 -6.83 37.30
CA ILE A 3 -7.90 -6.30 35.96
C ILE A 3 -9.27 -6.75 35.52
N VAL A 4 -10.15 -5.82 35.18
CA VAL A 4 -11.47 -6.13 34.64
C VAL A 4 -11.40 -5.98 33.12
N ILE A 5 -11.84 -7.01 32.40
CA ILE A 5 -11.93 -7.01 30.95
C ILE A 5 -13.40 -6.97 30.58
N VAL A 6 -13.82 -5.92 29.90
CA VAL A 6 -15.23 -5.72 29.58
C VAL A 6 -15.46 -6.07 28.11
N GLY A 7 -16.26 -7.11 27.88
CA GLY A 7 -16.48 -7.61 26.54
C GLY A 7 -15.83 -8.97 26.35
N ILE A 8 -16.61 -10.04 26.31
CA ILE A 8 -16.02 -11.36 26.07
C ILE A 8 -16.07 -11.62 24.57
N GLY A 9 -15.28 -10.88 23.80
CA GLY A 9 -15.21 -11.07 22.38
C GLY A 9 -13.82 -11.52 21.96
N TYR A 10 -13.47 -11.34 20.69
CA TYR A 10 -12.11 -11.67 20.25
C TYR A 10 -11.07 -10.83 20.98
N VAL A 11 -11.31 -9.53 21.15
CA VAL A 11 -10.30 -8.70 21.81
C VAL A 11 -10.31 -8.93 23.32
N GLY A 12 -11.50 -8.97 23.91
CA GLY A 12 -11.58 -9.15 25.35
C GLY A 12 -10.94 -10.45 25.81
N LEU A 13 -11.34 -11.56 25.19
CA LEU A 13 -10.84 -12.87 25.61
C LEU A 13 -9.33 -12.93 25.47
N ALA A 14 -8.79 -12.45 24.36
CA ALA A 14 -7.35 -12.48 24.16
C ALA A 14 -6.63 -11.70 25.26
N ASN A 15 -7.12 -10.50 25.57
CA ASN A 15 -6.51 -9.71 26.62
C ASN A 15 -6.68 -10.37 27.98
N ALA A 16 -7.88 -10.92 28.25
CA ALA A 16 -8.13 -11.57 29.53
C ALA A 16 -7.16 -12.71 29.78
N ILE A 17 -6.93 -13.55 28.77
CA ILE A 17 -5.94 -14.62 28.91
C ILE A 17 -4.53 -14.02 29.03
N LEU A 18 -4.22 -13.01 28.20
CA LEU A 18 -2.93 -12.35 28.29
C LEU A 18 -2.58 -11.98 29.73
N PHE A 19 -3.56 -11.51 30.49
CA PHE A 19 -3.28 -11.11 31.86
C PHE A 19 -3.41 -12.23 32.89
N SER A 20 -4.24 -13.27 32.66
CA SER A 20 -4.42 -14.26 33.71
C SER A 20 -3.37 -15.34 33.72
N LYS A 21 -2.65 -15.53 32.60
CA LYS A 21 -1.53 -16.47 32.60
C LYS A 21 -0.56 -16.15 33.74
N ASN A 22 -0.50 -14.89 34.12
CA ASN A 22 0.42 -14.46 35.17
C ASN A 22 -0.37 -14.53 36.47
N ASN A 23 -0.09 -15.58 37.26
CA ASN A 23 -0.94 -15.96 38.37
C ASN A 23 -0.98 -14.92 39.49
N GLU A 24 -0.16 -13.87 39.42
CA GLU A 24 -0.31 -12.80 40.40
C GLU A 24 -1.41 -11.80 40.04
N ASN A 25 -1.96 -11.88 38.83
CA ASN A 25 -3.08 -11.04 38.45
C ASN A 25 -4.40 -11.75 38.72
N GLU A 26 -5.37 -11.01 39.25
CA GLU A 26 -6.75 -11.48 39.32
C GLU A 26 -7.52 -10.85 38.15
N VAL A 27 -8.10 -11.69 37.30
CA VAL A 27 -8.66 -11.25 36.02
C VAL A 27 -10.13 -11.62 35.98
N VAL A 28 -10.98 -10.63 35.76
CA VAL A 28 -12.42 -10.85 35.66
C VAL A 28 -12.90 -10.34 34.32
N LEU A 29 -13.57 -11.22 33.57
CA LEU A 29 -14.28 -10.84 32.36
C LEU A 29 -15.71 -10.44 32.72
N LEU A 30 -16.16 -9.33 32.15
CA LEU A 30 -17.48 -8.77 32.45
C LEU A 30 -18.24 -8.61 31.15
N ASP A 31 -19.48 -9.10 31.11
CA ASP A 31 -20.26 -9.10 29.88
C ASP A 31 -21.73 -9.02 30.21
N ILE A 32 -22.54 -8.67 29.20
CA ILE A 32 -23.98 -8.67 29.33
C ILE A 32 -24.61 -9.97 28.82
N ASP A 33 -23.82 -10.83 28.16
CA ASP A 33 -24.30 -12.06 27.52
C ASP A 33 -24.03 -13.23 28.47
N GLU A 34 -25.08 -13.68 29.16
CA GLU A 34 -24.91 -14.75 30.15
C GLU A 34 -24.44 -16.05 29.52
N ASN A 35 -24.72 -16.25 28.23
CA ASN A 35 -24.21 -17.45 27.54
C ASN A 35 -22.69 -17.45 27.54
N LYS A 36 -22.09 -16.32 27.15
CA LYS A 36 -20.63 -16.24 27.10
C LYS A 36 -20.03 -16.30 28.50
N ILE A 37 -20.69 -15.69 29.48
CA ILE A 37 -20.20 -15.79 30.86
C ILE A 37 -20.22 -17.25 31.32
N GLN A 38 -21.36 -17.92 31.12
CA GLN A 38 -21.48 -19.35 31.43
C GLN A 38 -20.33 -20.14 30.82
N SER A 39 -20.09 -19.97 29.53
CA SER A 39 -19.05 -20.73 28.85
C SER A 39 -17.69 -20.50 29.50
N ILE A 40 -17.33 -19.23 29.75
CA ILE A 40 -16.04 -18.92 30.36
C ILE A 40 -15.93 -19.61 31.71
N ASN A 41 -16.96 -19.48 32.53
CA ASN A 41 -16.92 -20.04 33.87
C ASN A 41 -16.80 -21.56 33.85
N ASN A 42 -17.38 -22.21 32.83
CA ASN A 42 -17.21 -23.64 32.64
C ASN A 42 -15.88 -23.99 31.97
N HIS A 43 -14.92 -23.08 32.00
CA HIS A 43 -13.60 -23.29 31.41
C HIS A 43 -13.74 -23.66 29.93
N LYS A 44 -14.62 -22.94 29.25
CA LYS A 44 -15.00 -23.21 27.87
C LYS A 44 -14.78 -21.93 27.05
N SER A 45 -13.81 -21.97 26.14
CA SER A 45 -13.58 -20.84 25.24
C SER A 45 -14.78 -20.66 24.31
N PRO A 46 -15.55 -19.58 24.42
CA PRO A 46 -16.72 -19.42 23.56
C PRO A 46 -16.37 -19.16 22.11
N ILE A 47 -15.08 -19.01 21.79
CA ILE A 47 -14.59 -18.84 20.43
C ILE A 47 -13.45 -19.83 20.23
N LYS A 48 -12.94 -19.91 19.00
CA LYS A 48 -11.86 -20.82 18.65
C LYS A 48 -10.62 -20.02 18.25
N ASP A 49 -9.48 -20.38 18.85
CA ASP A 49 -8.18 -19.77 18.60
C ASP A 49 -7.13 -20.76 19.08
N LYS A 50 -6.14 -21.03 18.22
CA LYS A 50 -5.16 -22.08 18.51
C LYS A 50 -4.51 -21.89 19.88
N LEU A 51 -3.85 -20.75 20.10
CA LEU A 51 -3.18 -20.53 21.37
C LEU A 51 -4.17 -20.33 22.51
N ILE A 52 -5.36 -19.80 22.22
CA ILE A 52 -6.37 -19.64 23.26
C ILE A 52 -6.85 -21.00 23.75
N GLU A 53 -7.11 -21.93 22.82
CA GLU A 53 -7.53 -23.26 23.21
C GLU A 53 -6.44 -23.95 24.03
N LYS A 54 -5.18 -23.79 23.60
CA LYS A 54 -4.06 -24.37 24.33
C LYS A 54 -3.98 -23.84 25.76
N PHE A 55 -4.23 -22.53 25.95
CA PHE A 55 -4.24 -21.98 27.30
C PHE A 55 -5.32 -22.66 28.14
N PHE A 56 -6.56 -22.65 27.67
CA PHE A 56 -7.65 -23.36 28.35
C PHE A 56 -7.26 -24.81 28.60
N VAL A 57 -6.58 -25.42 27.64
CA VAL A 57 -6.03 -26.76 27.84
C VAL A 57 -5.08 -26.77 29.03
N GLN A 58 -4.03 -25.97 28.97
CA GLN A 58 -2.95 -26.08 29.96
C GLN A 58 -3.47 -25.88 31.40
N ASN A 59 -4.26 -24.85 31.64
CA ASN A 59 -4.88 -24.66 32.96
C ASN A 59 -6.14 -23.80 32.91
N LYS A 62 -7.08 -19.23 37.63
CA LYS A 62 -7.18 -18.53 36.36
C LYS A 62 -8.40 -17.59 36.30
N LEU A 63 -8.90 -17.36 35.08
CA LEU A 63 -9.90 -16.34 34.82
C LEU A 63 -11.29 -16.77 35.30
N HIS A 64 -12.13 -15.75 35.52
CA HIS A 64 -13.51 -15.90 35.96
C HIS A 64 -14.35 -14.82 35.29
N ALA A 65 -15.63 -15.11 35.06
CA ALA A 65 -16.48 -14.14 34.35
C ALA A 65 -17.77 -13.90 35.11
N THR A 66 -18.40 -12.75 34.81
CA THR A 66 -19.64 -12.35 35.46
C THR A 66 -20.33 -11.23 34.71
N SER A 67 -21.56 -10.95 35.14
CA SER A 67 -22.33 -9.81 34.66
C SER A 67 -22.62 -8.80 35.75
N ASN A 68 -22.12 -9.01 36.97
CA ASN A 68 -22.37 -8.11 38.10
C ASN A 68 -21.28 -7.04 38.13
N ILE A 69 -21.66 -5.79 37.85
CA ILE A 69 -20.65 -4.73 37.71
C ILE A 69 -20.02 -4.39 39.06
N LYS A 70 -20.82 -4.36 40.13
CA LYS A 70 -20.27 -4.09 41.46
C LYS A 70 -19.23 -5.14 41.84
N GLU A 71 -19.49 -6.41 41.51
CA GLU A 71 -18.52 -7.46 41.81
C GLU A 71 -17.25 -7.30 40.97
N ALA A 72 -17.40 -7.07 39.67
CA ALA A 72 -16.22 -6.96 38.83
C ALA A 72 -15.37 -5.76 39.24
N TYR A 73 -15.99 -4.59 39.37
CA TYR A 73 -15.25 -3.32 39.53
C TYR A 73 -14.74 -3.09 40.94
N PHE A 74 -15.32 -3.75 41.94
CA PHE A 74 -14.88 -3.57 43.31
C PHE A 74 -13.40 -3.92 43.42
N ASN A 75 -12.61 -2.96 43.91
CA ASN A 75 -11.18 -3.11 44.12
C ASN A 75 -10.40 -3.39 42.83
N ALA A 76 -10.97 -3.05 41.66
CA ALA A 76 -10.24 -3.21 40.41
C ALA A 76 -9.19 -2.11 40.25
N ASP A 77 -7.98 -2.50 39.88
CA ASP A 77 -6.93 -1.52 39.54
C ASP A 77 -7.06 -1.05 38.10
N PHE A 78 -7.41 -1.96 37.18
CA PHE A 78 -7.55 -1.65 35.76
C PHE A 78 -8.85 -2.22 35.19
N ALA A 79 -9.44 -1.49 34.25
CA ALA A 79 -10.53 -1.94 33.41
C ALA A 79 -10.13 -1.76 31.96
N VAL A 80 -10.23 -2.83 31.17
CA VAL A 80 -9.97 -2.80 29.73
C VAL A 80 -11.32 -2.89 29.02
N ILE A 81 -11.64 -1.88 28.24
CA ILE A 81 -12.92 -1.82 27.53
C ILE A 81 -12.72 -2.45 26.15
N ALA A 82 -13.39 -3.58 25.92
CA ALA A 82 -13.37 -4.29 24.65
C ALA A 82 -14.77 -4.50 24.12
N THR A 83 -15.66 -3.56 24.36
CA THR A 83 -17.03 -3.70 23.90
C THR A 83 -17.10 -3.34 22.41
N PRO A 84 -18.22 -3.61 21.75
CA PRO A 84 -18.25 -3.40 20.30
C PRO A 84 -18.46 -1.95 19.95
N THR A 85 -17.72 -1.50 18.96
CA THR A 85 -17.97 -0.23 18.29
C THR A 85 -18.35 -0.55 16.87
N ASP A 86 -19.44 0.04 16.41
CA ASP A 86 -19.94 -0.23 15.08
C ASP A 86 -20.00 1.08 14.30
N TYR A 87 -19.79 0.97 13.00
CA TYR A 87 -20.21 2.02 12.09
C TYR A 87 -21.58 1.62 11.57
N ASP A 88 -22.57 2.47 11.77
CA ASP A 88 -23.91 2.20 11.24
C ASP A 88 -24.18 3.15 10.08
N GLU A 89 -24.44 2.56 8.92
CA GLU A 89 -24.63 3.31 7.68
C GLU A 89 -25.70 4.38 7.84
N GLN A 90 -26.83 4.00 8.41
CA GLN A 90 -27.83 4.99 8.76
C GLN A 90 -27.23 5.94 9.77
N LEU A 91 -27.17 7.21 9.40
CA LEU A 91 -26.70 8.37 10.16
C LEU A 91 -25.19 8.53 10.01
N ASN A 92 -24.52 7.67 9.23
CA ASN A 92 -23.12 7.83 8.84
C ASN A 92 -22.19 8.01 10.04
N PHE A 93 -22.59 7.45 11.17
CA PHE A 93 -21.85 7.65 12.41
C PHE A 93 -21.28 6.34 12.93
N PHE A 94 -20.21 6.48 13.69
CA PHE A 94 -19.63 5.38 14.46
C PHE A 94 -20.39 5.29 15.78
N ASP A 95 -20.67 4.07 16.22
CA ASP A 95 -21.48 3.85 17.42
C ASP A 95 -20.59 3.52 18.61
N THR A 96 -20.60 4.39 19.63
CA THR A 96 -19.76 4.21 20.81
C THR A 96 -20.55 4.06 22.10
N ARG A 97 -21.86 3.79 22.00
CA ARG A 97 -22.69 3.65 23.19
C ARG A 97 -22.13 2.65 24.19
N SER A 98 -21.66 1.50 23.70
CA SER A 98 -21.19 0.47 24.63
C SER A 98 -20.09 1.02 25.53
N ILE A 99 -19.16 1.80 24.96
CA ILE A 99 -18.07 2.38 25.75
C ILE A 99 -18.62 3.34 26.78
N GLU A 100 -19.60 4.16 26.39
CA GLU A 100 -20.21 5.11 27.32
C GLU A 100 -21.04 4.40 28.37
N ASN A 101 -21.74 3.33 28.03
CA ASN A 101 -22.45 2.60 29.08
C ASN A 101 -21.46 2.05 30.10
N VAL A 102 -20.28 1.64 29.65
CA VAL A 102 -19.33 1.05 30.57
C VAL A 102 -18.66 2.13 31.42
N LEU A 103 -18.34 3.28 30.82
CA LEU A 103 -17.75 4.37 31.60
C LEU A 103 -18.72 4.86 32.67
N LYS A 104 -20.03 4.86 32.37
CA LYS A 104 -21.02 5.24 33.37
C LYS A 104 -21.02 4.28 34.55
N ASP A 105 -20.96 2.98 34.28
CA ASP A 105 -20.86 2.02 35.38
C ASP A 105 -19.60 2.26 36.19
N ILE A 106 -18.46 2.44 35.52
CA ILE A 106 -17.19 2.71 36.18
C ILE A 106 -17.29 3.98 37.02
N LYS A 107 -17.86 5.04 36.44
CA LYS A 107 -17.86 6.31 37.14
C LYS A 107 -18.67 6.23 38.42
N ASN A 108 -19.71 5.42 38.44
CA ASN A 108 -20.56 5.34 39.61
C ASN A 108 -20.05 4.37 40.66
N ILE A 109 -19.29 3.35 40.27
CA ILE A 109 -18.83 2.32 41.18
C ILE A 109 -17.40 2.56 41.65
N ASN A 110 -16.50 2.94 40.74
CA ASN A 110 -15.11 3.18 41.12
C ASN A 110 -14.45 4.08 40.08
N SER A 111 -14.80 5.37 40.10
CA SER A 111 -14.33 6.33 39.12
C SER A 111 -12.81 6.43 39.04
N LYS A 112 -12.08 5.81 39.95
CA LYS A 112 -10.62 5.92 39.93
C LYS A 112 -9.93 4.70 39.35
N ILE A 113 -10.69 3.72 38.85
CA ILE A 113 -10.07 2.63 38.10
C ILE A 113 -9.33 3.23 36.90
N ASN A 114 -8.13 2.72 36.63
CA ASN A 114 -7.40 3.10 35.42
C ASN A 114 -8.03 2.40 34.22
N VAL A 115 -8.71 3.17 33.37
CA VAL A 115 -9.46 2.61 32.23
C VAL A 115 -8.57 2.58 31.00
N ILE A 116 -8.61 1.46 30.29
CA ILE A 116 -7.88 1.30 29.04
C ILE A 116 -8.91 1.00 27.98
N ILE A 117 -8.99 1.86 26.98
CA ILE A 117 -9.91 1.62 25.88
C ILE A 117 -9.13 0.90 24.79
N LYS A 118 -9.58 -0.32 24.48
CA LYS A 118 -9.04 -1.11 23.38
C LYS A 118 -9.94 -1.09 22.16
N SER A 119 -11.22 -0.86 22.36
CA SER A 119 -12.15 -0.80 21.24
C SER A 119 -11.79 0.37 20.34
N THR A 120 -11.92 0.16 19.03
CA THR A 120 -11.61 1.20 18.07
C THR A 120 -12.65 2.31 18.15
N VAL A 121 -12.16 3.56 18.14
CA VAL A 121 -12.98 4.74 18.39
C VAL A 121 -12.66 5.81 17.36
N PRO A 122 -13.53 6.80 17.19
CA PRO A 122 -13.24 7.90 16.26
C PRO A 122 -12.05 8.71 16.73
N ILE A 123 -11.34 9.31 15.76
CA ILE A 123 -10.27 10.25 16.12
C ILE A 123 -10.85 11.40 16.90
N GLY A 124 -10.27 11.66 18.08
CA GLY A 124 -10.75 12.68 18.98
C GLY A 124 -11.67 12.17 20.08
N TYR A 125 -12.04 10.90 20.02
CA TYR A 125 -13.03 10.37 20.96
C TYR A 125 -12.53 10.44 22.39
N THR A 126 -11.33 9.93 22.64
CA THR A 126 -10.89 9.77 24.01
C THR A 126 -10.70 11.12 24.68
N LYS A 127 -10.21 12.11 23.94
CA LYS A 127 -10.08 13.46 24.50
C LYS A 127 -11.46 14.01 24.87
N THR A 128 -12.44 13.83 23.99
CA THR A 128 -13.78 14.33 24.31
C THR A 128 -14.45 13.50 25.38
N ILE A 129 -14.12 12.20 25.47
CA ILE A 129 -14.86 11.41 26.44
C ILE A 129 -14.27 11.62 27.84
N LYS A 130 -12.96 11.90 27.93
CA LYS A 130 -12.37 12.26 29.22
C LYS A 130 -13.01 13.52 29.78
N GLN A 131 -13.24 14.50 28.91
CA GLN A 131 -13.92 15.72 29.34
C GLN A 131 -15.37 15.46 29.71
N LYS A 132 -16.10 14.70 28.88
CA LYS A 132 -17.54 14.55 29.14
C LYS A 132 -17.81 13.80 30.44
N PHE A 133 -16.96 12.84 30.81
CA PHE A 133 -17.15 12.10 32.06
C PHE A 133 -16.33 12.66 33.22
N ASN A 134 -15.48 13.67 32.99
CA ASN A 134 -14.68 14.29 34.05
C ASN A 134 -13.70 13.28 34.66
N MET A 135 -13.10 12.46 33.82
CA MET A 135 -12.17 11.42 34.26
C MET A 135 -10.91 11.52 33.41
N SER A 136 -9.76 11.78 34.05
CA SER A 136 -8.55 11.78 33.25
C SER A 136 -7.85 10.42 33.26
N ASN A 137 -8.19 9.53 34.17
CA ASN A 137 -7.70 8.16 34.15
C ASN A 137 -8.33 7.30 33.04
N ILE A 138 -8.29 7.75 31.80
CA ILE A 138 -8.69 6.96 30.63
C ILE A 138 -7.59 7.06 29.59
N VAL A 139 -7.10 5.90 29.12
CA VAL A 139 -6.04 5.84 28.13
C VAL A 139 -6.52 4.97 26.96
N PHE A 140 -6.38 5.48 25.74
CA PHE A 140 -6.67 4.70 24.55
C PHE A 140 -5.40 3.96 24.14
N SER A 141 -5.55 2.66 23.89
CA SER A 141 -4.48 1.84 23.38
C SER A 141 -5.02 0.91 22.31
N PRO A 142 -4.79 1.18 21.03
CA PRO A 142 -5.47 0.43 19.97
C PRO A 142 -5.15 -1.06 20.04
N GLU A 143 -6.03 -1.86 19.49
CA GLU A 143 -5.78 -3.28 19.36
C GLU A 143 -5.53 -3.58 17.89
N PHE A 144 -4.49 -4.37 17.61
CA PHE A 144 -4.14 -4.77 16.25
C PHE A 144 -4.27 -6.28 15.99
N LEU A 145 -4.94 -7.02 16.86
CA LEU A 145 -5.01 -8.45 16.68
C LEU A 145 -5.87 -8.82 15.47
N ARG A 146 -5.53 -9.94 14.85
CA ARG A 146 -6.37 -10.56 13.82
C ARG A 146 -7.18 -11.68 14.45
N GLU A 147 -8.47 -11.73 14.14
CA GLU A 147 -9.31 -12.84 14.59
C GLU A 147 -8.68 -14.18 14.21
N GLY A 148 -8.67 -15.11 15.16
CA GLY A 148 -8.08 -16.41 14.89
C GLY A 148 -6.58 -16.46 15.02
N SER A 149 -5.92 -15.32 15.19
CA SER A 149 -4.58 -15.27 15.75
C SER A 149 -4.55 -14.24 16.87
N ALA A 150 -5.68 -14.12 17.57
CA ALA A 150 -5.89 -13.05 18.53
C ALA A 150 -4.89 -13.11 19.68
N LEU A 151 -4.65 -14.30 20.22
CA LEU A 151 -3.77 -14.35 21.38
C LEU A 151 -2.30 -14.35 21.00
N TYR A 152 -1.95 -14.98 19.87
CA TYR A 152 -0.59 -14.84 19.36
C TYR A 152 -0.26 -13.38 19.14
N ASP A 153 -1.19 -12.64 18.51
CA ASP A 153 -0.99 -11.21 18.29
C ASP A 153 -0.98 -10.44 19.61
N SER A 154 -1.68 -10.96 20.64
CA SER A 154 -1.61 -10.35 21.97
C SER A 154 -0.28 -10.59 22.64
N LEU A 155 0.22 -11.84 22.60
CA LEU A 155 1.52 -12.13 23.19
C LEU A 155 2.67 -11.57 22.38
N TYR A 156 2.50 -11.45 21.05
CA TYR A 156 3.56 -11.04 20.15
C TYR A 156 3.04 -9.91 19.26
N PRO A 157 2.84 -8.72 19.81
CA PRO A 157 2.22 -7.65 19.02
C PRO A 157 3.23 -6.93 18.15
N SER A 158 2.78 -6.54 16.95
CA SER A 158 3.63 -5.80 16.01
C SER A 158 4.28 -4.61 16.69
N ARG A 159 3.51 -3.92 17.53
CA ARG A 159 3.98 -2.79 18.31
C ARG A 159 2.89 -2.47 19.32
N ILE A 160 3.28 -1.74 20.36
CA ILE A 160 2.34 -1.21 21.35
C ILE A 160 2.19 0.29 21.11
N ILE A 161 0.95 0.75 21.04
CA ILE A 161 0.63 2.16 20.92
C ILE A 161 -0.09 2.56 22.20
N ILE A 162 0.50 3.49 22.95
CA ILE A 162 -0.12 4.07 24.13
C ILE A 162 -0.43 5.53 23.81
N GLY A 163 -1.72 5.87 23.80
CA GLY A 163 -2.17 7.20 23.44
C GLY A 163 -2.19 8.19 24.59
N ASP A 164 -1.16 8.16 25.43
CA ASP A 164 -1.06 9.09 26.56
C ASP A 164 0.41 9.22 26.90
N LYS A 165 0.92 10.44 26.91
CA LYS A 165 2.33 10.71 27.20
C LYS A 165 2.61 10.97 28.68
N SER A 166 1.61 10.88 29.55
CA SER A 166 1.82 11.17 30.97
C SER A 166 2.26 9.88 31.69
N VAL A 167 2.53 9.99 33.00
CA VAL A 167 2.96 8.81 33.74
C VAL A 167 1.86 7.75 33.80
N LEU A 168 0.59 8.16 33.66
CA LEU A 168 -0.47 7.16 33.55
C LEU A 168 -0.29 6.32 32.29
N GLY A 169 0.01 6.95 31.16
CA GLY A 169 0.30 6.21 29.94
C GLY A 169 1.49 5.29 30.11
N LYS A 170 2.55 5.80 30.73
CA LYS A 170 3.72 4.98 31.04
C LYS A 170 3.34 3.78 31.90
N THR A 171 2.42 3.99 32.85
CA THR A 171 1.93 2.84 33.62
C THR A 171 1.21 1.83 32.71
N ILE A 172 0.40 2.31 31.78
CA ILE A 172 -0.34 1.41 30.91
C ILE A 172 0.60 0.64 29.99
N GLY A 173 1.53 1.35 29.34
CA GLY A 173 2.50 0.66 28.51
C GLY A 173 3.29 -0.37 29.29
N ASP A 174 3.77 0.02 30.48
CA ASP A 174 4.56 -0.90 31.30
C ASP A 174 3.71 -2.09 31.75
N LEU A 175 2.41 -1.89 31.95
CA LEU A 175 1.54 -3.01 32.29
C LEU A 175 1.50 -4.03 31.15
N PHE A 176 1.51 -3.56 29.89
CA PHE A 176 1.49 -4.49 28.76
C PHE A 176 2.85 -5.17 28.56
N LEU A 177 3.96 -4.43 28.65
CA LEU A 177 5.28 -5.06 28.61
C LEU A 177 5.39 -6.25 29.55
N LYS A 178 4.86 -6.14 30.77
CA LYS A 178 5.03 -7.21 31.72
C LYS A 178 4.35 -8.49 31.25
N ASN A 179 3.14 -8.38 30.72
CA ASN A 179 2.32 -9.55 30.46
C ASN A 179 2.50 -10.14 29.06
N ILE A 180 3.12 -9.41 28.12
CA ILE A 180 3.36 -9.98 26.81
C ILE A 180 4.63 -10.84 26.86
N GLU A 181 4.72 -11.77 25.92
CA GLU A 181 5.93 -12.56 25.76
C GLU A 181 6.83 -12.07 24.65
N LYS A 182 6.38 -11.10 23.84
CA LYS A 182 7.24 -10.58 22.78
C LYS A 182 8.37 -9.79 23.41
N LYS A 183 9.58 -10.19 23.05
CA LYS A 183 10.82 -9.69 23.62
C LYS A 183 11.33 -8.51 22.80
N ASN A 184 11.53 -7.38 23.46
CA ASN A 184 12.06 -6.16 22.84
C ASN A 184 11.12 -5.63 21.75
N VAL A 185 9.91 -5.24 22.17
CA VAL A 185 8.85 -4.84 21.26
C VAL A 185 8.84 -3.32 21.12
N ASP A 186 8.54 -2.85 19.90
CA ASP A 186 8.35 -1.42 19.66
C ASP A 186 7.16 -0.92 20.44
N ILE A 187 7.33 0.17 21.18
CA ILE A 187 6.26 0.81 21.92
C ILE A 187 6.34 2.31 21.65
N PHE A 188 5.21 2.89 21.26
CA PHE A 188 5.18 4.33 20.94
C PHE A 188 4.21 5.03 21.88
N TYR A 189 4.72 6.03 22.60
CA TYR A 189 3.89 6.95 23.35
C TYR A 189 3.54 8.15 22.47
N MET A 190 2.29 8.60 22.55
CA MET A 190 1.82 9.70 21.71
C MET A 190 0.50 10.16 22.29
N ASP A 191 0.05 11.34 21.84
CA ASP A 191 -1.24 11.84 22.30
C ASP A 191 -2.39 10.99 21.77
N SER A 192 -3.57 11.17 22.35
CA SER A 192 -4.67 10.24 22.14
C SER A 192 -5.20 10.33 20.70
N ASP A 193 -5.32 11.54 20.14
CA ASP A 193 -5.77 11.65 18.76
C ASP A 193 -4.83 10.93 17.79
N GLU A 194 -3.52 11.11 17.99
CA GLU A 194 -2.53 10.43 17.16
C GLU A 194 -2.66 8.91 17.27
N ALA A 195 -2.93 8.41 18.48
CA ALA A 195 -3.11 6.97 18.67
C ALA A 195 -4.37 6.47 17.99
N GLU A 196 -5.46 7.23 18.09
CA GLU A 196 -6.68 6.84 17.39
C GLU A 196 -6.48 6.90 15.89
N SER A 197 -5.69 7.89 15.44
CA SER A 197 -5.36 8.01 14.02
C SER A 197 -4.56 6.80 13.54
N VAL A 198 -3.59 6.35 14.34
CA VAL A 198 -2.77 5.20 13.97
C VAL A 198 -3.64 3.99 13.66
N LYS A 199 -4.63 3.72 14.52
CA LYS A 199 -5.48 2.54 14.33
C LYS A 199 -6.30 2.66 13.07
N LEU A 200 -7.07 3.75 12.93
CA LEU A 200 -7.95 3.86 11.78
C LEU A 200 -7.15 3.85 10.48
N PHE A 201 -6.02 4.56 10.46
CA PHE A 201 -5.24 4.63 9.23
C PHE A 201 -4.53 3.33 8.92
N SER A 202 -4.06 2.61 9.95
CA SER A 202 -3.45 1.31 9.70
C SER A 202 -4.45 0.36 9.06
N ASN A 203 -5.67 0.30 9.58
CA ASN A 203 -6.68 -0.57 8.97
C ASN A 203 -7.02 -0.07 7.58
N THR A 204 -7.03 1.24 7.38
CA THR A 204 -7.34 1.77 6.07
C THR A 204 -6.27 1.38 5.06
N TYR A 205 -5.00 1.42 5.48
CA TYR A 205 -3.94 0.95 4.60
C TYR A 205 -4.17 -0.50 4.20
N LEU A 206 -4.50 -1.37 5.16
CA LEU A 206 -4.67 -2.78 4.83
C LEU A 206 -5.81 -2.99 3.86
N ALA A 207 -6.95 -2.32 4.11
CA ALA A 207 -8.04 -2.34 3.16
C ALA A 207 -7.61 -1.82 1.80
N MET A 208 -6.76 -0.78 1.79
CA MET A 208 -6.29 -0.23 0.53
C MET A 208 -5.49 -1.27 -0.24
N ARG A 209 -4.66 -2.04 0.47
CA ARG A 209 -3.82 -3.02 -0.19
C ARG A 209 -4.66 -4.13 -0.81
N VAL A 210 -5.64 -4.63 -0.06
CA VAL A 210 -6.56 -5.64 -0.61
C VAL A 210 -7.33 -5.03 -1.76
N GLY A 211 -7.78 -3.78 -1.58
CA GLY A 211 -8.41 -3.08 -2.68
C GLY A 211 -7.52 -3.01 -3.91
N PHE A 212 -6.23 -2.79 -3.71
CA PHE A 212 -5.33 -2.66 -4.86
C PHE A 212 -5.21 -3.98 -5.61
N PHE A 213 -4.89 -5.05 -4.90
CA PHE A 213 -4.64 -6.31 -5.56
C PHE A 213 -5.91 -6.93 -6.13
N ASN A 214 -7.07 -6.54 -5.62
CA ASN A 214 -8.32 -6.93 -6.27
C ASN A 214 -8.55 -6.14 -7.56
N GLU A 215 -8.13 -4.87 -7.60
CA GLU A 215 -8.26 -4.14 -8.85
C GLU A 215 -7.31 -4.68 -9.90
N VAL A 216 -6.13 -5.15 -9.47
CA VAL A 216 -5.23 -5.86 -10.38
C VAL A 216 -5.92 -7.11 -10.91
N ASP A 217 -6.47 -7.92 -10.00
CA ASP A 217 -7.17 -9.13 -10.41
C ASP A 217 -8.34 -8.80 -11.33
N SER A 218 -9.11 -7.75 -11.01
CA SER A 218 -10.22 -7.36 -11.86
C SER A 218 -9.74 -7.00 -13.26
N TYR A 219 -8.68 -6.20 -13.35
CA TYR A 219 -8.16 -5.85 -14.67
C TYR A 219 -7.71 -7.10 -15.43
N ALA A 220 -7.01 -8.00 -14.73
CA ALA A 220 -6.49 -9.19 -15.40
C ALA A 220 -7.61 -10.07 -15.93
N ARG A 221 -8.68 -10.23 -15.15
CA ARG A 221 -9.85 -10.97 -15.62
C ARG A 221 -10.52 -10.28 -16.80
N LYS A 222 -10.60 -8.94 -16.78
CA LYS A 222 -11.25 -8.26 -17.89
C LYS A 222 -10.52 -8.50 -19.21
N HIS A 223 -9.23 -8.85 -19.15
CA HIS A 223 -8.38 -8.99 -20.34
C HIS A 223 -7.77 -10.38 -20.45
N ASN A 224 -8.25 -11.34 -19.68
CA ASN A 224 -7.78 -12.72 -19.74
C ASN A 224 -6.27 -12.82 -19.61
N LEU A 225 -5.72 -12.16 -18.59
CA LEU A 225 -4.32 -12.25 -18.25
C LEU A 225 -4.14 -13.13 -17.01
N ASN A 226 -2.91 -13.59 -16.78
CA ASN A 226 -2.62 -14.41 -15.60
C ASN A 226 -2.42 -13.51 -14.38
N SER A 227 -3.38 -13.52 -13.42
CA SER A 227 -3.26 -12.71 -12.21
C SER A 227 -2.08 -13.13 -11.36
N ALA A 228 -1.86 -14.44 -11.22
CA ALA A 228 -0.77 -14.92 -10.38
C ALA A 228 0.58 -14.41 -10.88
N ASP A 229 0.80 -14.46 -12.19
CA ASP A 229 2.02 -13.87 -12.75
C ASP A 229 2.13 -12.39 -12.38
N ILE A 230 1.07 -11.63 -12.63
CA ILE A 230 1.15 -10.20 -12.44
C ILE A 230 1.40 -9.87 -10.99
N ILE A 231 0.67 -10.54 -10.09
CA ILE A 231 0.78 -10.16 -8.69
C ILE A 231 2.13 -10.59 -8.12
N LYS A 232 2.64 -11.74 -8.54
CA LYS A 232 3.95 -12.16 -8.06
C LYS A 232 5.06 -11.21 -8.53
N GLY A 233 4.93 -10.68 -9.74
CA GLY A 233 5.93 -9.76 -10.24
C GLY A 233 5.87 -8.42 -9.51
N ILE A 234 4.65 -7.96 -9.22
CA ILE A 234 4.48 -6.75 -8.43
C ILE A 234 5.14 -6.93 -7.06
N SER A 235 4.73 -7.99 -6.36
CA SER A 235 5.09 -8.21 -4.97
C SER A 235 6.55 -8.54 -4.77
N ALA A 236 7.29 -8.86 -5.82
CA ALA A 236 8.70 -9.15 -5.66
C ALA A 236 9.50 -7.88 -5.37
N ASP A 237 8.94 -6.69 -5.60
CA ASP A 237 9.50 -5.43 -5.12
C ASP A 237 9.35 -5.37 -3.59
N ASP A 238 10.49 -5.40 -2.89
CA ASP A 238 10.51 -5.41 -1.45
C ASP A 238 9.81 -4.20 -0.81
N ARG A 239 9.62 -3.11 -1.54
CA ARG A 239 8.78 -2.04 -1.01
C ARG A 239 7.29 -2.37 -1.05
N ILE A 240 6.90 -3.43 -1.75
CA ILE A 240 5.50 -3.85 -1.85
C ILE A 240 5.25 -5.13 -1.03
N GLY A 241 6.00 -6.20 -1.32
CA GLY A 241 6.11 -7.33 -0.41
C GLY A 241 5.20 -8.50 -0.78
N LYS A 242 5.68 -9.71 -0.48
CA LYS A 242 5.02 -10.97 -0.82
C LYS A 242 4.15 -11.46 0.35
N TYR A 243 3.08 -10.71 0.60
CA TYR A 243 2.20 -10.98 1.73
C TYR A 243 0.97 -10.10 1.55
N TYR A 244 -0.11 -10.48 2.22
CA TYR A 244 -1.28 -9.64 2.31
C TYR A 244 -1.69 -9.13 0.94
N ASN A 245 -1.67 -10.04 -0.03
CA ASN A 245 -1.83 -9.64 -1.42
C ASN A 245 -2.61 -10.67 -2.21
N ASN A 246 -3.47 -11.47 -1.53
CA ASN A 246 -4.20 -12.54 -2.21
C ASN A 246 -5.58 -12.02 -2.60
N PRO A 247 -5.89 -11.92 -3.88
CA PRO A 247 -7.20 -11.39 -4.27
C PRO A 247 -8.35 -12.23 -3.72
N SER A 248 -9.53 -11.63 -3.75
CA SER A 248 -10.67 -12.20 -3.05
C SER A 248 -11.92 -11.54 -3.57
N PHE A 249 -13.05 -11.90 -2.97
CA PHE A 249 -14.30 -11.31 -3.41
C PHE A 249 -14.47 -9.89 -2.90
N GLY A 250 -13.56 -9.43 -2.06
CA GLY A 250 -13.63 -8.12 -1.42
C GLY A 250 -13.13 -8.25 0.01
N TYR A 251 -12.70 -7.11 0.58
CA TYR A 251 -12.30 -7.18 1.99
C TYR A 251 -13.53 -7.14 2.87
N GLY A 252 -13.48 -7.89 3.98
CA GLY A 252 -14.61 -7.93 4.91
C GLY A 252 -14.22 -8.03 6.36
N GLY A 253 -15.08 -8.64 7.19
CA GLY A 253 -14.83 -8.81 8.60
C GLY A 253 -15.49 -7.73 9.43
N TYR A 254 -15.34 -7.85 10.75
CA TYR A 254 -15.84 -6.84 11.68
C TYR A 254 -15.38 -5.45 11.24
N CYS A 255 -14.07 -5.31 11.12
CA CYS A 255 -13.37 -4.07 11.44
C CYS A 255 -12.96 -3.25 10.23
N LEU A 256 -12.23 -3.85 9.27
CA LEU A 256 -11.86 -3.09 8.07
C LEU A 256 -13.04 -2.36 7.44
N PRO A 257 -14.20 -2.97 7.20
CA PRO A 257 -15.28 -2.22 6.53
C PRO A 257 -15.80 -1.06 7.35
N LYS A 258 -15.83 -1.21 8.68
CA LYS A 258 -16.33 -0.10 9.48
C LYS A 258 -15.26 0.99 9.66
N ASP A 259 -14.00 0.59 9.85
CA ASP A 259 -12.95 1.55 10.12
C ASP A 259 -12.67 2.44 8.91
N THR A 260 -12.71 1.87 7.69
CA THR A 260 -12.51 2.68 6.50
C THR A 260 -13.66 3.66 6.30
N LYS A 261 -14.89 3.21 6.55
CA LYS A 261 -16.04 4.10 6.43
C LYS A 261 -16.01 5.19 7.50
N GLN A 262 -15.44 4.91 8.67
CA GLN A 262 -15.37 5.93 9.70
C GLN A 262 -14.37 7.03 9.32
N LEU A 263 -13.15 6.62 8.96
CA LEU A 263 -12.17 7.59 8.48
C LEU A 263 -12.72 8.39 7.32
N LEU A 264 -13.43 7.73 6.39
CA LEU A 264 -14.03 8.45 5.27
C LEU A 264 -14.99 9.53 5.77
N ALA A 265 -15.79 9.21 6.78
CA ALA A 265 -16.62 10.24 7.42
C ALA A 265 -15.77 11.36 7.97
N ASN A 266 -14.67 11.02 8.65
CA ASN A 266 -13.80 12.04 9.24
C ASN A 266 -13.01 12.79 8.16
N PHE A 267 -12.98 12.28 6.93
CA PHE A 267 -12.48 13.03 5.77
C PHE A 267 -13.63 13.85 5.19
N TYR A 268 -13.91 14.97 5.86
CA TYR A 268 -15.11 15.77 5.64
C TYR A 268 -14.95 16.63 4.39
N ASN A 269 -15.66 16.24 3.31
CA ASN A 269 -15.91 17.09 2.13
C ASN A 269 -14.66 17.24 1.25
N ILE A 270 -14.07 16.13 0.86
CA ILE A 270 -12.88 16.12 0.01
C ILE A 270 -13.29 15.56 -1.35
N PRO A 271 -13.12 16.32 -2.46
CA PRO A 271 -13.70 15.90 -3.76
C PRO A 271 -13.39 14.48 -4.15
N ASN A 272 -12.14 14.06 -3.98
CA ASN A 272 -11.77 12.66 -4.01
C ASN A 272 -10.65 12.44 -2.99
N SER A 273 -10.34 11.18 -2.76
CA SER A 273 -9.31 10.81 -1.80
C SER A 273 -9.08 9.32 -1.95
N LEU A 274 -7.89 8.89 -1.56
CA LEU A 274 -7.67 7.47 -1.36
C LEU A 274 -8.72 6.89 -0.42
N ILE A 275 -9.04 7.61 0.65
CA ILE A 275 -9.99 7.10 1.65
C ILE A 275 -11.32 6.74 1.00
N LYS A 276 -11.92 7.69 0.30
CA LYS A 276 -13.18 7.43 -0.37
C LYS A 276 -13.05 6.31 -1.40
N ALA A 277 -11.94 6.28 -2.12
CA ALA A 277 -11.78 5.24 -3.13
C ALA A 277 -11.64 3.86 -2.49
N ILE A 278 -10.95 3.79 -1.34
CA ILE A 278 -10.76 2.51 -0.67
C ILE A 278 -12.10 1.87 -0.36
N VAL A 279 -13.09 2.67 0.03
CA VAL A 279 -14.42 2.14 0.28
C VAL A 279 -15.11 1.79 -1.04
N GLU A 280 -15.04 2.69 -2.02
CA GLU A 280 -15.80 2.51 -3.25
C GLU A 280 -15.27 1.36 -4.09
N THR A 281 -13.95 1.18 -4.13
CA THR A 281 -13.42 0.07 -4.92
C THR A 281 -13.89 -1.28 -4.40
N ASN A 282 -14.13 -1.40 -3.10
CA ASN A 282 -14.54 -2.69 -2.54
C ASN A 282 -15.92 -3.07 -3.04
N GLU A 283 -16.80 -2.07 -3.14
CA GLU A 283 -18.14 -2.32 -3.61
C GLU A 283 -18.15 -2.62 -5.11
N ILE A 284 -17.32 -1.92 -5.88
CA ILE A 284 -17.20 -2.20 -7.31
C ILE A 284 -16.68 -3.62 -7.51
N ARG A 285 -15.65 -4.00 -6.76
CA ARG A 285 -15.09 -5.35 -6.89
C ARG A 285 -16.17 -6.41 -6.63
N LYS A 286 -17.01 -6.16 -5.62
CA LYS A 286 -18.07 -7.10 -5.26
C LYS A 286 -19.10 -7.23 -6.36
N LYS A 287 -19.52 -6.10 -6.94
CA LYS A 287 -20.45 -6.15 -8.07
C LYS A 287 -19.82 -6.79 -9.29
N PHE A 288 -18.50 -6.64 -9.45
CA PHE A 288 -17.83 -7.27 -10.58
C PHE A 288 -17.75 -8.78 -10.38
N ILE A 289 -17.48 -9.22 -9.16
CA ILE A 289 -17.53 -10.65 -8.86
C ILE A 289 -18.91 -11.20 -9.17
N THR A 290 -19.95 -10.46 -8.79
CA THR A 290 -21.31 -10.93 -9.03
C THR A 290 -21.58 -11.03 -10.52
N GLN A 291 -21.23 -9.98 -11.27
CA GLN A 291 -21.41 -10.04 -12.72
C GLN A 291 -20.68 -11.23 -13.32
N LEU A 292 -19.48 -11.52 -12.83
CA LEU A 292 -18.73 -12.65 -13.34
C LEU A 292 -19.46 -13.96 -13.09
N ILE A 293 -19.98 -14.13 -11.88
CA ILE A 293 -20.73 -15.35 -11.56
C ILE A 293 -21.93 -15.47 -12.48
N LEU A 294 -22.67 -14.37 -12.68
CA LEU A 294 -23.88 -14.45 -13.51
C LEU A 294 -23.53 -14.76 -14.96
N GLU A 295 -22.42 -14.23 -15.46
CA GLU A 295 -21.99 -14.58 -16.82
C GLU A 295 -21.80 -16.07 -16.99
N LYS A 296 -21.54 -16.81 -15.91
CA LYS A 296 -21.42 -18.26 -16.07
C LYS A 296 -22.79 -18.95 -16.13
N LYS A 297 -23.87 -18.17 -16.00
CA LYS A 297 -25.26 -18.62 -16.07
C LYS A 297 -25.49 -19.92 -15.30
N PRO A 298 -25.09 -20.00 -14.03
CA PRO A 298 -25.37 -21.22 -13.28
C PRO A 298 -26.87 -21.34 -13.05
N ASN A 299 -27.34 -22.58 -13.01
CA ASN A 299 -28.74 -22.78 -12.61
C ASN A 299 -28.85 -22.93 -11.11
N ILE A 300 -27.95 -23.71 -10.51
CA ILE A 300 -27.93 -23.91 -9.07
C ILE A 300 -26.52 -23.55 -8.61
N LEU A 301 -26.41 -22.59 -7.71
CA LEU A 301 -25.13 -22.05 -7.31
C LEU A 301 -24.82 -22.46 -5.88
N GLY A 302 -23.68 -23.09 -5.66
CA GLY A 302 -23.26 -23.48 -4.32
C GLY A 302 -22.34 -22.45 -3.72
N ILE A 303 -22.62 -22.05 -2.48
CA ILE A 303 -21.74 -21.17 -1.73
C ILE A 303 -20.95 -22.04 -0.77
N TYR A 304 -19.65 -22.13 -0.96
CA TYR A 304 -18.79 -22.92 -0.08
C TYR A 304 -18.29 -22.02 1.03
N ARG A 305 -18.88 -22.18 2.22
CA ARG A 305 -18.53 -21.50 3.47
C ARG A 305 -19.03 -20.07 3.45
N LEU A 306 -19.58 -19.63 4.57
CA LEU A 306 -19.91 -18.23 4.79
C LEU A 306 -18.76 -17.44 5.39
N ILE A 307 -17.79 -18.13 6.01
CA ILE A 307 -16.64 -17.44 6.59
C ILE A 307 -15.77 -16.85 5.49
N MET A 308 -15.02 -15.81 5.87
CA MET A 308 -13.98 -15.25 5.02
C MET A 308 -12.85 -16.25 4.77
N LYS A 309 -12.27 -16.78 5.86
CA LYS A 309 -11.12 -17.68 5.78
C LYS A 309 -11.26 -18.87 6.75
N GLN A 310 -10.82 -20.04 6.28
CA GLN A 310 -10.78 -21.32 7.00
C GLN A 310 -10.61 -21.20 8.52
N ASN A 311 -9.65 -20.39 8.97
CA ASN A 311 -9.39 -20.30 10.40
C ASN A 311 -10.56 -19.64 11.15
N SER A 312 -11.19 -18.64 10.53
CA SER A 312 -12.33 -17.97 11.13
C SER A 312 -13.45 -18.96 11.48
N ASP A 313 -14.16 -18.67 12.57
CA ASP A 313 -15.37 -19.39 12.92
C ASP A 313 -16.54 -18.44 13.09
N ASN A 314 -16.51 -17.34 12.35
CA ASN A 314 -17.60 -16.38 12.32
C ASN A 314 -17.63 -15.71 10.96
N PHE A 315 -18.80 -15.21 10.60
CA PHE A 315 -19.04 -14.58 9.31
C PHE A 315 -19.82 -13.27 9.40
N ARG A 316 -19.76 -12.59 10.55
CA ARG A 316 -20.12 -11.19 10.62
C ARG A 316 -19.42 -10.41 9.51
N ASN A 317 -20.20 -9.64 8.76
CA ASN A 317 -19.70 -8.83 7.65
C ASN A 317 -18.86 -9.63 6.65
N SER A 318 -19.07 -10.94 6.56
CA SER A 318 -18.34 -11.71 5.56
C SER A 318 -18.70 -11.21 4.18
N VAL A 319 -17.68 -11.02 3.34
CA VAL A 319 -17.96 -10.62 1.96
C VAL A 319 -18.75 -11.68 1.19
N ILE A 320 -18.66 -12.95 1.58
CA ILE A 320 -19.52 -13.98 0.99
C ILE A 320 -20.98 -13.57 1.07
N ILE A 321 -21.38 -12.99 2.20
CA ILE A 321 -22.80 -12.68 2.36
C ILE A 321 -23.19 -11.50 1.48
N ASP A 322 -22.30 -10.53 1.34
CA ASP A 322 -22.56 -9.44 0.40
C ASP A 322 -22.71 -9.96 -1.03
N ILE A 323 -21.85 -10.90 -1.43
CA ILE A 323 -22.02 -11.49 -2.75
C ILE A 323 -23.36 -12.19 -2.85
N ILE A 324 -23.77 -12.91 -1.81
CA ILE A 324 -25.09 -13.53 -1.79
C ILE A 324 -26.17 -12.49 -2.02
N LYS A 325 -26.08 -11.35 -1.32
CA LYS A 325 -27.12 -10.34 -1.42
C LYS A 325 -27.12 -9.69 -2.79
N TYR A 326 -25.94 -9.47 -3.38
CA TYR A 326 -25.91 -8.96 -4.74
C TYR A 326 -26.52 -9.96 -5.74
N LEU A 327 -26.17 -11.25 -5.59
CA LEU A 327 -26.75 -12.27 -6.44
C LEU A 327 -28.27 -12.29 -6.31
N GLN A 328 -28.77 -12.22 -5.08
CA GLN A 328 -30.22 -12.23 -4.87
C GLN A 328 -30.88 -11.03 -5.54
N GLU A 329 -30.16 -9.92 -5.64
CA GLU A 329 -30.69 -8.70 -6.22
C GLU A 329 -30.56 -8.68 -7.75
N TYR A 330 -29.42 -9.15 -8.29
CA TYR A 330 -29.16 -9.10 -9.73
C TYR A 330 -29.86 -10.21 -10.51
N ASN A 331 -30.03 -11.39 -9.91
CA ASN A 331 -30.67 -12.52 -10.59
C ASN A 331 -31.26 -13.44 -9.51
N SER A 332 -32.48 -13.13 -9.08
CA SER A 332 -33.18 -13.93 -8.08
C SER A 332 -33.59 -15.31 -8.58
N ASN A 333 -33.38 -15.63 -9.87
CA ASN A 333 -33.80 -16.94 -10.38
C ASN A 333 -32.82 -18.05 -10.07
N ILE A 334 -31.55 -17.71 -9.80
CA ILE A 334 -30.58 -18.76 -9.52
C ILE A 334 -30.89 -19.36 -8.15
N GLU A 335 -30.95 -20.68 -8.08
CA GLU A 335 -31.14 -21.35 -6.80
C GLU A 335 -29.81 -21.39 -6.06
N LEU A 336 -29.76 -20.78 -4.88
CA LEU A 336 -28.55 -20.76 -4.08
C LEU A 336 -28.58 -21.88 -3.06
N ILE A 337 -27.42 -22.46 -2.79
CA ILE A 337 -27.27 -23.51 -1.78
C ILE A 337 -26.00 -23.22 -0.99
N ILE A 338 -26.09 -23.26 0.34
CA ILE A 338 -24.98 -22.91 1.20
C ILE A 338 -24.44 -24.16 1.89
N TYR A 339 -23.14 -24.39 1.78
CA TYR A 339 -22.45 -25.34 2.65
C TYR A 339 -21.74 -24.53 3.71
N GLU A 340 -22.23 -24.61 4.97
CA GLU A 340 -21.61 -23.91 6.10
C GLU A 340 -21.92 -24.70 7.36
N PRO A 341 -21.02 -25.61 7.75
CA PRO A 341 -21.24 -26.35 8.99
C PRO A 341 -21.46 -25.47 10.22
N LEU A 342 -20.94 -24.25 10.25
CA LEU A 342 -21.24 -23.41 11.43
C LEU A 342 -22.71 -23.06 11.51
N VAL A 343 -23.49 -23.28 10.45
CA VAL A 343 -24.91 -22.97 10.47
C VAL A 343 -25.66 -24.27 10.74
N LYS A 344 -26.44 -24.30 11.83
CA LYS A 344 -27.19 -25.47 12.23
C LYS A 344 -28.64 -25.42 11.78
N GLU A 345 -29.12 -24.29 11.28
CA GLU A 345 -30.54 -24.22 10.95
C GLU A 345 -30.69 -24.61 9.48
N LYS A 346 -31.93 -24.89 9.07
CA LYS A 346 -32.16 -25.44 7.74
C LYS A 346 -31.93 -24.41 6.65
N LYS A 347 -32.15 -23.13 6.96
CA LYS A 347 -31.94 -22.05 6.00
C LYS A 347 -31.11 -20.96 6.64
N PHE A 348 -30.46 -20.17 5.78
CA PHE A 348 -29.82 -18.92 6.19
C PHE A 348 -30.15 -17.92 5.10
N LEU A 349 -30.61 -16.73 5.51
CA LEU A 349 -31.11 -15.73 4.55
C LEU A 349 -32.10 -16.33 3.57
N ASN A 350 -32.94 -17.26 4.06
CA ASN A 350 -33.92 -18.00 3.27
C ASN A 350 -33.29 -18.90 2.21
N ILE A 351 -31.99 -19.17 2.34
CA ILE A 351 -31.28 -20.04 1.41
C ILE A 351 -31.08 -21.38 2.07
N LYS A 352 -31.37 -22.45 1.34
CA LYS A 352 -31.17 -23.80 1.81
C LYS A 352 -29.71 -24.02 2.21
N VAL A 353 -29.52 -24.57 3.40
CA VAL A 353 -28.21 -24.96 3.92
C VAL A 353 -28.06 -26.47 3.75
N GLU A 354 -26.97 -26.89 3.12
CA GLU A 354 -26.68 -28.29 2.87
C GLU A 354 -25.31 -28.63 3.43
N ASN A 355 -25.28 -29.21 4.63
CA ASN A 355 -24.00 -29.46 5.29
C ASN A 355 -23.47 -30.86 5.04
N ASP A 356 -24.18 -31.65 4.26
CA ASP A 356 -23.60 -32.88 3.71
C ASP A 356 -22.83 -32.47 2.47
N PHE A 357 -21.50 -32.54 2.53
CA PHE A 357 -20.69 -32.04 1.44
C PHE A 357 -20.92 -32.83 0.16
N ASN A 358 -21.17 -34.14 0.28
CA ASN A 358 -21.47 -34.99 -0.87
C ASN A 358 -22.66 -34.45 -1.65
N VAL A 359 -23.81 -34.29 -0.99
CA VAL A 359 -24.99 -33.80 -1.68
C VAL A 359 -24.79 -32.39 -2.21
N PHE A 360 -24.15 -31.51 -1.42
CA PHE A 360 -23.90 -30.12 -1.85
C PHE A 360 -23.15 -30.10 -3.17
N GLY A 361 -22.04 -30.82 -3.27
CA GLY A 361 -21.24 -30.77 -4.48
C GLY A 361 -21.95 -31.35 -5.70
N ALA A 362 -22.84 -32.32 -5.49
CA ALA A 362 -23.57 -32.91 -6.62
C ALA A 362 -24.78 -32.06 -7.00
N LYS A 363 -25.38 -31.39 -6.02
CA LYS A 363 -26.58 -30.57 -6.25
C LYS A 363 -26.31 -29.41 -7.21
N VAL A 364 -25.14 -28.76 -7.09
CA VAL A 364 -24.90 -27.45 -7.71
C VAL A 364 -24.14 -27.61 -9.02
N ASP A 365 -24.32 -26.63 -9.92
CA ASP A 365 -23.59 -26.53 -11.18
C ASP A 365 -22.24 -25.84 -11.05
N LEU A 366 -22.07 -25.01 -10.03
CA LEU A 366 -20.94 -24.13 -9.87
C LEU A 366 -20.86 -23.76 -8.38
N ILE A 367 -19.65 -23.78 -7.83
CA ILE A 367 -19.41 -23.46 -6.42
C ILE A 367 -18.59 -22.18 -6.38
N ILE A 368 -18.99 -21.23 -5.53
CA ILE A 368 -18.13 -20.07 -5.26
C ILE A 368 -17.54 -20.23 -3.88
N ALA A 369 -16.25 -19.93 -3.78
CA ALA A 369 -15.51 -20.05 -2.55
C ALA A 369 -14.51 -18.91 -2.51
N ASN A 370 -14.53 -18.13 -1.44
CA ASN A 370 -13.57 -17.03 -1.36
C ASN A 370 -12.14 -17.57 -1.37
N ARG A 371 -11.93 -18.70 -0.71
CA ARG A 371 -10.60 -19.31 -0.60
C ARG A 371 -10.70 -20.81 -0.89
N PHE A 372 -9.76 -21.33 -1.67
CA PHE A 372 -9.64 -22.76 -1.85
C PHE A 372 -9.22 -23.40 -0.53
N ASP A 373 -9.62 -24.65 -0.34
CA ASP A 373 -9.06 -25.47 0.73
C ASP A 373 -8.90 -26.89 0.19
N ASP A 374 -8.34 -27.72 1.05
CA ASP A 374 -8.23 -29.17 0.94
C ASP A 374 -9.47 -29.81 0.28
N LYS A 375 -10.67 -29.59 0.84
CA LYS A 375 -11.86 -30.33 0.36
C LYS A 375 -12.22 -29.99 -1.09
N LEU A 376 -11.96 -28.77 -1.53
CA LEU A 376 -12.42 -28.34 -2.84
C LEU A 376 -11.58 -28.85 -3.99
N LYS A 377 -10.32 -29.27 -3.74
CA LYS A 377 -9.49 -29.78 -4.83
C LYS A 377 -10.16 -30.95 -5.53
N GLU A 378 -10.99 -31.69 -4.80
CA GLU A 378 -11.68 -32.85 -5.33
C GLU A 378 -12.76 -32.47 -6.33
N ILE A 379 -13.17 -31.20 -6.35
CA ILE A 379 -14.32 -30.71 -7.10
C ILE A 379 -13.87 -29.47 -7.88
N LYS A 380 -12.55 -29.28 -7.97
CA LYS A 380 -11.97 -28.01 -8.42
C LYS A 380 -12.61 -27.45 -9.69
N ASP A 381 -13.17 -28.29 -10.55
CA ASP A 381 -13.53 -27.85 -11.91
C ASP A 381 -14.82 -27.03 -11.96
N LYS A 382 -15.74 -27.19 -11.00
CA LYS A 382 -16.92 -26.33 -10.91
C LYS A 382 -16.77 -25.26 -9.82
N VAL A 383 -15.54 -24.94 -9.42
CA VAL A 383 -15.26 -24.01 -8.33
C VAL A 383 -14.78 -22.69 -8.92
N PHE A 384 -15.48 -21.60 -8.58
CA PHE A 384 -15.07 -20.25 -8.94
C PHE A 384 -14.50 -19.54 -7.71
N SER A 385 -13.28 -19.04 -7.82
CA SER A 385 -12.62 -18.33 -6.72
C SER A 385 -11.61 -17.34 -7.28
N ALA A 386 -11.35 -16.27 -6.53
CA ALA A 386 -10.28 -15.33 -6.88
C ALA A 386 -8.99 -15.64 -6.15
N ASP A 387 -9.01 -16.61 -5.23
CA ASP A 387 -7.83 -17.04 -4.50
C ASP A 387 -6.72 -17.37 -5.49
N VAL A 388 -5.58 -16.69 -5.34
CA VAL A 388 -4.44 -16.89 -6.22
C VAL A 388 -3.41 -17.82 -5.60
N PHE A 389 -3.11 -17.68 -4.32
CA PHE A 389 -2.00 -18.41 -3.71
C PHE A 389 -2.44 -19.59 -2.85
N TYR A 390 -3.75 -19.81 -2.67
CA TYR A 390 -4.24 -20.95 -1.88
C TYR A 390 -3.66 -20.92 -0.47
N THR A 391 -3.64 -19.72 0.13
CA THR A 391 -2.92 -19.53 1.38
C THR A 391 -3.52 -20.35 2.52
N ASP A 392 -4.82 -20.65 2.44
CA ASP A 392 -5.59 -21.38 3.45
C ASP A 392 -4.94 -21.57 4.82
N MET B 1 30.84 -10.77 -28.03
CA MET B 1 29.40 -10.54 -28.14
C MET B 1 29.07 -9.05 -28.00
N LYS B 2 28.22 -8.54 -28.89
CA LYS B 2 27.98 -7.10 -29.02
C LYS B 2 26.57 -6.75 -28.55
N ILE B 3 26.47 -5.74 -27.69
CA ILE B 3 25.20 -5.25 -27.13
C ILE B 3 25.06 -3.77 -27.48
N VAL B 4 23.95 -3.41 -28.09
CA VAL B 4 23.63 -2.02 -28.36
C VAL B 4 22.58 -1.55 -27.35
N ILE B 5 22.89 -0.49 -26.62
CA ILE B 5 21.94 0.21 -25.77
C ILE B 5 21.47 1.46 -26.50
N VAL B 6 20.17 1.56 -26.75
CA VAL B 6 19.61 2.72 -27.47
C VAL B 6 19.02 3.67 -26.44
N GLY B 7 19.67 4.82 -26.28
CA GLY B 7 19.22 5.87 -25.39
C GLY B 7 20.21 6.02 -24.26
N ILE B 8 20.87 7.16 -24.15
CA ILE B 8 21.76 7.41 -23.02
C ILE B 8 21.04 8.28 -22.00
N GLY B 9 19.95 7.77 -21.44
CA GLY B 9 19.38 8.28 -20.22
C GLY B 9 19.79 7.42 -19.04
N TYR B 10 19.05 7.57 -17.93
CA TYR B 10 19.31 6.76 -16.74
C TYR B 10 19.20 5.28 -17.02
N VAL B 11 18.18 4.87 -17.79
CA VAL B 11 18.00 3.45 -18.03
C VAL B 11 19.08 2.91 -18.94
N GLY B 12 19.34 3.57 -20.06
CA GLY B 12 20.32 3.05 -21.01
C GLY B 12 21.72 3.02 -20.44
N LEU B 13 22.12 4.12 -19.80
CA LEU B 13 23.49 4.23 -19.32
C LEU B 13 23.77 3.22 -18.21
N ALA B 14 22.80 3.00 -17.33
CA ALA B 14 23.01 2.01 -16.28
C ALA B 14 23.10 0.61 -16.89
N ASN B 15 22.24 0.32 -17.86
CA ASN B 15 22.31 -0.98 -18.52
C ASN B 15 23.57 -1.11 -19.35
N ALA B 16 24.01 -0.03 -19.98
CA ALA B 16 25.27 -0.11 -20.73
C ALA B 16 26.39 -0.52 -19.81
N ILE B 17 26.45 0.08 -18.61
CA ILE B 17 27.52 -0.22 -17.67
C ILE B 17 27.42 -1.66 -17.19
N LEU B 18 26.22 -2.09 -16.82
CA LEU B 18 26.03 -3.46 -16.36
C LEU B 18 26.64 -4.47 -17.32
N PHE B 19 26.41 -4.28 -18.63
CA PHE B 19 26.90 -5.25 -19.60
C PHE B 19 28.36 -5.08 -19.94
N SER B 20 28.95 -3.92 -19.68
CA SER B 20 30.30 -3.66 -20.11
C SER B 20 31.36 -3.99 -19.07
N LYS B 21 30.96 -4.15 -17.80
CA LYS B 21 31.95 -4.38 -16.75
C LYS B 21 32.61 -5.75 -16.82
N ASN B 22 32.21 -6.59 -17.78
CA ASN B 22 32.83 -7.89 -18.02
C ASN B 22 33.47 -7.88 -19.40
N ASN B 23 34.77 -8.18 -19.46
CA ASN B 23 35.56 -7.96 -20.67
C ASN B 23 35.01 -8.69 -21.89
N GLU B 24 34.16 -9.70 -21.70
CA GLU B 24 33.70 -10.48 -22.84
C GLU B 24 32.78 -9.69 -23.74
N ASN B 25 32.16 -8.61 -23.25
CA ASN B 25 31.09 -7.94 -23.96
C ASN B 25 31.57 -6.64 -24.59
N GLU B 26 31.14 -6.40 -25.82
CA GLU B 26 31.35 -5.12 -26.51
C GLU B 26 30.04 -4.35 -26.48
N VAL B 27 30.04 -3.17 -25.86
CA VAL B 27 28.81 -2.42 -25.61
C VAL B 27 28.86 -1.11 -26.36
N VAL B 28 27.78 -0.80 -27.08
CA VAL B 28 27.71 0.42 -27.87
C VAL B 28 26.45 1.17 -27.50
N LEU B 29 26.60 2.45 -27.17
CA LEU B 29 25.48 3.32 -26.84
C LEU B 29 25.07 4.10 -28.08
N LEU B 30 23.79 4.02 -28.44
CA LEU B 30 23.22 4.71 -29.59
C LEU B 30 22.25 5.78 -29.11
N ASP B 31 22.39 6.99 -29.65
CA ASP B 31 21.48 8.09 -29.33
C ASP B 31 21.36 9.00 -30.54
N ILE B 32 20.40 9.92 -30.46
CA ILE B 32 20.29 11.02 -31.42
C ILE B 32 20.88 12.32 -30.88
N ASP B 33 21.23 12.37 -29.60
CA ASP B 33 21.71 13.58 -28.96
C ASP B 33 23.23 13.54 -28.99
N GLU B 34 23.83 14.33 -29.88
CA GLU B 34 25.27 14.35 -30.01
C GLU B 34 25.98 14.92 -28.78
N ASN B 35 25.29 15.75 -27.99
CA ASN B 35 25.84 16.14 -26.69
C ASN B 35 26.09 14.91 -25.82
N LYS B 36 25.14 13.96 -25.82
CA LYS B 36 25.28 12.75 -25.01
C LYS B 36 26.41 11.87 -25.53
N ILE B 37 26.49 11.70 -26.85
CA ILE B 37 27.53 10.87 -27.45
C ILE B 37 28.91 11.47 -27.21
N GLN B 38 29.02 12.78 -27.33
CA GLN B 38 30.30 13.46 -27.17
C GLN B 38 30.78 13.37 -25.72
N SER B 39 29.87 13.55 -24.78
CA SER B 39 30.19 13.33 -23.37
C SER B 39 30.75 11.94 -23.13
N ILE B 40 30.01 10.89 -23.56
CA ILE B 40 30.42 9.52 -23.27
C ILE B 40 31.84 9.26 -23.80
N ASN B 41 32.07 9.62 -25.06
CA ASN B 41 33.37 9.36 -25.68
C ASN B 41 34.49 10.19 -25.06
N ASN B 42 34.16 11.24 -24.30
CA ASN B 42 35.13 11.94 -23.47
C ASN B 42 35.23 11.37 -22.06
N HIS B 43 34.64 10.19 -21.82
CA HIS B 43 34.66 9.53 -20.51
C HIS B 43 34.10 10.43 -19.43
N LYS B 44 33.10 11.23 -19.78
CA LYS B 44 32.30 11.98 -18.82
C LYS B 44 30.88 11.44 -18.83
N SER B 45 30.29 11.34 -17.66
CA SER B 45 28.90 10.91 -17.56
C SER B 45 27.98 12.09 -17.86
N PRO B 46 27.18 12.04 -18.92
CA PRO B 46 26.24 13.15 -19.19
C PRO B 46 25.19 13.28 -18.11
N ILE B 47 24.96 12.20 -17.36
CA ILE B 47 23.97 12.21 -16.30
C ILE B 47 24.74 12.58 -15.03
N LYS B 48 24.77 13.90 -14.76
CA LYS B 48 25.73 14.48 -13.82
C LYS B 48 25.80 13.72 -12.49
N ASP B 49 24.70 13.11 -12.06
CA ASP B 49 24.64 12.43 -10.78
C ASP B 49 24.57 10.93 -11.01
N LYS B 50 25.69 10.26 -10.74
CA LYS B 50 25.77 8.81 -10.78
C LYS B 50 26.41 8.35 -9.49
N LEU B 51 25.70 7.52 -8.72
CA LEU B 51 26.29 6.92 -7.54
C LEU B 51 27.60 6.25 -7.92
N ILE B 52 27.52 5.08 -8.56
CA ILE B 52 28.73 4.44 -9.06
C ILE B 52 29.20 5.21 -10.29
N GLU B 53 29.66 6.45 -10.07
CA GLU B 53 30.36 7.21 -11.09
C GLU B 53 31.85 6.93 -11.06
N LYS B 54 32.28 6.06 -10.14
CA LYS B 54 33.62 5.51 -10.15
C LYS B 54 33.88 4.70 -11.40
N PHE B 55 32.83 4.22 -12.06
CA PHE B 55 33.04 3.41 -13.25
C PHE B 55 33.72 4.21 -14.34
N PHE B 56 33.31 5.46 -14.55
CA PHE B 56 33.93 6.25 -15.61
C PHE B 56 35.37 6.61 -15.29
N VAL B 57 35.69 6.85 -14.01
CA VAL B 57 37.05 7.26 -13.71
C VAL B 57 38.01 6.08 -13.73
N GLN B 58 37.57 4.90 -13.32
CA GLN B 58 38.47 3.75 -13.26
C GLN B 58 38.07 2.68 -14.27
N SER B 61 36.89 -0.91 -17.94
CA SER B 61 35.83 -1.34 -18.84
C SER B 61 35.47 -0.26 -19.85
N LYS B 62 35.68 -0.57 -21.12
CA LYS B 62 35.57 0.41 -22.21
C LYS B 62 34.13 0.48 -22.71
N LEU B 63 33.81 1.56 -23.43
CA LEU B 63 32.43 1.83 -23.81
C LEU B 63 32.43 2.92 -24.89
N HIS B 64 31.56 2.77 -25.88
CA HIS B 64 31.60 3.60 -27.08
C HIS B 64 30.20 4.06 -27.48
N ALA B 65 30.03 5.36 -27.70
CA ALA B 65 28.75 5.93 -28.08
C ALA B 65 28.80 6.49 -29.50
N THR B 66 27.65 6.47 -30.20
CA THR B 66 27.57 6.91 -31.58
C THR B 66 26.12 7.22 -31.95
N SER B 67 25.95 8.15 -32.89
CA SER B 67 24.66 8.38 -33.52
C SER B 67 24.49 7.57 -34.80
N ASN B 68 25.46 6.72 -35.13
CA ASN B 68 25.52 6.05 -36.42
C ASN B 68 24.77 4.73 -36.34
N ILE B 69 23.52 4.73 -36.83
CA ILE B 69 22.67 3.54 -36.84
C ILE B 69 23.45 2.36 -37.38
N LYS B 70 24.15 2.59 -38.49
CA LYS B 70 24.93 1.56 -39.16
C LYS B 70 26.01 1.00 -38.26
N GLU B 71 26.80 1.87 -37.64
CA GLU B 71 27.91 1.41 -36.81
C GLU B 71 27.40 0.62 -35.61
N ALA B 72 26.41 1.17 -34.91
CA ALA B 72 25.89 0.52 -33.71
C ALA B 72 25.37 -0.88 -34.00
N TYR B 73 24.38 -0.98 -34.88
CA TYR B 73 23.70 -2.26 -35.08
C TYR B 73 24.51 -3.26 -35.89
N PHE B 74 25.48 -2.81 -36.68
CA PHE B 74 26.35 -3.74 -37.40
C PHE B 74 26.94 -4.76 -36.45
N ASN B 75 26.68 -6.04 -36.74
CA ASN B 75 27.26 -7.16 -36.00
C ASN B 75 26.83 -7.16 -34.53
N ALA B 76 25.59 -6.80 -34.25
CA ALA B 76 25.08 -6.73 -32.88
C ALA B 76 24.23 -7.95 -32.54
N ASP B 77 24.44 -8.51 -31.36
CA ASP B 77 23.67 -9.66 -30.89
C ASP B 77 22.37 -9.25 -30.18
N PHE B 78 22.42 -8.16 -29.41
CA PHE B 78 21.24 -7.69 -28.69
C PHE B 78 21.17 -6.17 -28.81
N ALA B 79 19.93 -5.67 -28.82
CA ALA B 79 19.66 -4.24 -28.74
C ALA B 79 18.69 -3.99 -27.58
N VAL B 80 19.02 -3.02 -26.72
CA VAL B 80 18.17 -2.65 -25.58
C VAL B 80 17.59 -1.27 -25.85
N ILE B 81 16.26 -1.19 -25.92
CA ILE B 81 15.58 0.06 -26.22
C ILE B 81 15.21 0.73 -24.90
N ALA B 82 15.88 1.84 -24.61
CA ALA B 82 15.73 2.67 -23.43
C ALA B 82 15.43 4.11 -23.83
N THR B 83 14.57 4.31 -24.82
CA THR B 83 14.23 5.64 -25.32
C THR B 83 12.98 6.15 -24.61
N PRO B 84 12.68 7.46 -24.71
CA PRO B 84 11.58 8.00 -23.92
C PRO B 84 10.24 7.46 -24.39
N THR B 85 9.35 7.25 -23.42
CA THR B 85 7.94 7.02 -23.65
C THR B 85 7.18 7.96 -22.72
N ASP B 86 6.24 8.72 -23.27
CA ASP B 86 5.44 9.65 -22.50
C ASP B 86 3.97 9.36 -22.73
N TYR B 87 3.13 10.07 -21.99
CA TYR B 87 1.68 9.99 -22.12
C TYR B 87 1.14 11.42 -22.04
N ASP B 88 0.39 11.85 -23.07
CA ASP B 88 0.10 13.28 -23.31
C ASP B 88 -1.37 13.70 -23.40
N GLU B 89 -2.32 12.81 -23.69
CA GLU B 89 -3.71 13.22 -23.77
C GLU B 89 -3.93 14.34 -24.80
N ASN B 92 -5.99 11.01 -24.42
CA ASN B 92 -5.19 9.82 -24.12
C ASN B 92 -4.26 9.49 -25.28
N PHE B 93 -3.00 9.91 -25.17
CA PHE B 93 -2.00 9.60 -26.19
C PHE B 93 -0.85 8.81 -25.58
N PHE B 94 -0.59 7.63 -26.14
CA PHE B 94 0.45 6.71 -25.68
C PHE B 94 1.67 6.95 -26.58
N ASP B 95 2.59 7.80 -26.12
CA ASP B 95 3.71 8.21 -26.97
C ASP B 95 4.81 7.16 -26.94
N THR B 96 4.85 6.35 -28.00
CA THR B 96 5.87 5.32 -28.18
C THR B 96 6.64 5.52 -29.50
N ARG B 97 6.54 6.71 -30.09
CA ARG B 97 7.15 6.95 -31.39
C ARG B 97 8.67 6.74 -31.37
N SER B 98 9.32 6.93 -30.23
CA SER B 98 10.75 6.67 -30.22
C SER B 98 11.02 5.17 -30.39
N ILE B 99 10.19 4.33 -29.76
CA ILE B 99 10.32 2.89 -29.89
C ILE B 99 10.16 2.48 -31.35
N GLU B 100 9.10 2.96 -31.99
CA GLU B 100 8.87 2.61 -33.39
C GLU B 100 9.97 3.16 -34.30
N ASN B 101 10.60 4.28 -33.92
CA ASN B 101 11.73 4.75 -34.72
C ASN B 101 12.90 3.78 -34.64
N VAL B 102 13.22 3.31 -33.44
CA VAL B 102 14.30 2.35 -33.26
C VAL B 102 13.97 1.05 -34.00
N LEU B 103 12.81 0.47 -33.72
CA LEU B 103 12.45 -0.80 -34.33
C LEU B 103 12.47 -0.71 -35.85
N LYS B 104 12.13 0.46 -36.41
CA LYS B 104 12.20 0.65 -37.85
C LYS B 104 13.64 0.65 -38.34
N ASP B 105 14.53 1.34 -37.63
CA ASP B 105 15.96 1.24 -37.93
C ASP B 105 16.43 -0.20 -37.81
N ILE B 106 16.03 -0.88 -36.72
CA ILE B 106 16.53 -2.23 -36.48
C ILE B 106 16.06 -3.18 -37.56
N LYS B 107 14.79 -3.05 -37.96
CA LYS B 107 14.25 -3.91 -39.02
C LYS B 107 14.94 -3.64 -40.35
N ASN B 108 15.42 -2.42 -40.56
CA ASN B 108 16.14 -2.11 -41.79
C ASN B 108 17.54 -2.71 -41.81
N ILE B 109 18.32 -2.53 -40.74
CA ILE B 109 19.75 -2.86 -40.78
C ILE B 109 19.92 -4.37 -40.65
N ASN B 110 19.74 -4.92 -39.46
CA ASN B 110 19.33 -6.31 -39.43
C ASN B 110 18.37 -6.70 -38.29
N SER B 111 17.37 -7.45 -38.79
CA SER B 111 16.09 -7.78 -38.23
C SER B 111 16.17 -8.87 -37.20
N LYS B 112 17.24 -9.66 -37.26
CA LYS B 112 17.43 -10.79 -36.36
C LYS B 112 18.21 -10.41 -35.10
N ILE B 113 18.55 -9.13 -34.90
CA ILE B 113 19.03 -8.72 -33.59
C ILE B 113 17.95 -8.98 -32.57
N ASN B 114 18.33 -9.58 -31.45
CA ASN B 114 17.36 -9.87 -30.39
C ASN B 114 17.11 -8.57 -29.61
N VAL B 115 15.90 -8.04 -29.73
CA VAL B 115 15.56 -6.73 -29.18
C VAL B 115 14.93 -6.90 -27.80
N ILE B 116 15.39 -6.09 -26.85
CA ILE B 116 14.84 -6.05 -25.49
C ILE B 116 14.28 -4.65 -25.28
N ILE B 117 12.99 -4.55 -25.01
CA ILE B 117 12.42 -3.25 -24.70
C ILE B 117 12.46 -3.03 -23.18
N LYS B 118 13.21 -2.03 -22.76
CA LYS B 118 13.23 -1.63 -21.35
C LYS B 118 12.34 -0.45 -21.05
N SER B 119 12.14 0.45 -22.02
CA SER B 119 11.24 1.57 -21.80
C SER B 119 9.86 1.08 -21.39
N THR B 120 9.20 1.85 -20.54
CA THR B 120 7.87 1.48 -20.09
C THR B 120 6.86 1.71 -21.22
N VAL B 121 6.04 0.71 -21.51
CA VAL B 121 5.08 0.77 -22.61
C VAL B 121 3.68 0.44 -22.11
N PRO B 122 2.65 0.85 -22.86
CA PRO B 122 1.26 0.46 -22.51
C PRO B 122 1.06 -1.05 -22.51
N ILE B 123 0.09 -1.48 -21.70
CA ILE B 123 -0.18 -2.91 -21.63
C ILE B 123 -0.74 -3.36 -22.96
N GLY B 124 -0.18 -4.45 -23.50
CA GLY B 124 -0.54 -4.91 -24.82
C GLY B 124 0.28 -4.32 -25.94
N TYR B 125 1.22 -3.42 -25.63
CA TYR B 125 2.00 -2.77 -26.68
C TYR B 125 2.93 -3.74 -27.40
N THR B 126 3.66 -4.56 -26.63
CA THR B 126 4.69 -5.39 -27.23
C THR B 126 4.09 -6.42 -28.16
N LYS B 127 3.00 -7.06 -27.73
CA LYS B 127 2.33 -8.00 -28.61
C LYS B 127 1.85 -7.31 -29.88
N THR B 128 1.36 -6.08 -29.74
CA THR B 128 0.91 -5.35 -30.92
C THR B 128 2.06 -5.01 -31.84
N ILE B 129 3.21 -4.65 -31.28
CA ILE B 129 4.24 -4.06 -32.12
C ILE B 129 4.99 -5.17 -32.85
N LYS B 130 5.02 -6.37 -32.27
CA LYS B 130 5.59 -7.52 -32.96
C LYS B 130 4.78 -7.83 -34.20
N GLN B 131 3.45 -7.90 -34.07
CA GLN B 131 2.60 -8.15 -35.22
C GLN B 131 2.77 -7.07 -36.28
N LYS B 132 2.78 -5.81 -35.86
CA LYS B 132 2.74 -4.71 -36.82
C LYS B 132 4.08 -4.49 -37.52
N PHE B 133 5.19 -4.91 -36.90
CA PHE B 133 6.50 -4.87 -37.53
C PHE B 133 6.90 -6.20 -38.14
N ASN B 134 6.12 -7.26 -37.90
CA ASN B 134 6.42 -8.63 -38.36
C ASN B 134 7.73 -9.15 -37.75
N MET B 135 7.97 -8.84 -36.49
CA MET B 135 9.19 -9.22 -35.81
C MET B 135 8.83 -10.01 -34.57
N SER B 136 9.37 -11.23 -34.45
CA SER B 136 9.14 -12.03 -33.27
C SER B 136 10.28 -11.92 -32.26
N ASN B 137 11.44 -11.44 -32.69
CA ASN B 137 12.59 -11.21 -31.85
C ASN B 137 12.52 -9.87 -31.11
N ILE B 138 11.47 -9.71 -30.32
CA ILE B 138 11.28 -8.55 -29.44
C ILE B 138 10.73 -9.07 -28.13
N VAL B 139 11.38 -8.69 -27.03
CA VAL B 139 11.02 -9.17 -25.70
C VAL B 139 10.96 -7.97 -24.76
N PHE B 140 9.83 -7.78 -24.08
CA PHE B 140 9.68 -6.71 -23.12
C PHE B 140 10.16 -7.19 -21.76
N SER B 141 11.06 -6.43 -21.16
CA SER B 141 11.56 -6.76 -19.84
C SER B 141 11.64 -5.43 -19.11
N PRO B 142 10.75 -5.19 -18.15
CA PRO B 142 10.61 -3.84 -17.60
C PRO B 142 11.81 -3.44 -16.76
N GLU B 143 11.91 -2.14 -16.53
CA GLU B 143 13.01 -1.55 -15.78
C GLU B 143 12.45 -1.01 -14.47
N PHE B 144 13.07 -1.39 -13.36
CA PHE B 144 12.59 -0.93 -12.06
C PHE B 144 13.54 0.02 -11.33
N LEU B 145 14.61 0.49 -11.98
CA LEU B 145 15.62 1.26 -11.26
C LEU B 145 15.11 2.63 -10.83
N ARG B 146 15.66 3.12 -9.70
CA ARG B 146 15.48 4.50 -9.24
C ARG B 146 16.57 5.39 -9.82
N GLU B 147 16.19 6.59 -10.23
CA GLU B 147 17.17 7.59 -10.62
C GLU B 147 18.10 7.89 -9.45
N GLY B 148 19.38 8.01 -9.74
CA GLY B 148 20.32 8.31 -8.67
C GLY B 148 20.61 7.15 -7.76
N SER B 149 20.03 5.97 -8.01
CA SER B 149 20.63 4.70 -7.64
C SER B 149 20.53 3.74 -8.83
N ALA B 150 20.63 4.29 -10.03
CA ALA B 150 20.32 3.55 -11.25
C ALA B 150 21.25 2.36 -11.41
N LEU B 151 22.55 2.58 -11.27
CA LEU B 151 23.46 1.48 -11.54
C LEU B 151 23.43 0.48 -10.39
N TYR B 152 23.28 0.96 -9.16
CA TYR B 152 23.09 0.03 -8.04
C TYR B 152 21.86 -0.85 -8.28
N ASP B 153 20.75 -0.24 -8.65
CA ASP B 153 19.53 -0.99 -8.92
C ASP B 153 19.68 -1.92 -10.11
N SER B 154 20.58 -1.60 -11.04
CA SER B 154 20.78 -2.48 -12.19
C SER B 154 21.62 -3.71 -11.80
N LEU B 155 22.62 -3.52 -10.94
CA LEU B 155 23.42 -4.63 -10.47
C LEU B 155 22.69 -5.49 -9.45
N TYR B 156 21.81 -4.89 -8.65
CA TYR B 156 21.06 -5.57 -7.59
C TYR B 156 19.57 -5.37 -7.82
N PRO B 157 19.01 -5.96 -8.86
CA PRO B 157 17.59 -5.72 -9.15
C PRO B 157 16.69 -6.38 -8.11
N SER B 158 15.64 -5.67 -7.72
CA SER B 158 14.55 -6.25 -6.94
C SER B 158 14.13 -7.61 -7.47
N ARG B 159 13.90 -7.70 -8.77
CA ARG B 159 13.65 -8.96 -9.46
C ARG B 159 13.79 -8.69 -10.95
N ILE B 160 13.94 -9.76 -11.72
CA ILE B 160 13.96 -9.70 -13.18
C ILE B 160 12.63 -10.25 -13.71
N ILE B 161 11.97 -9.46 -14.54
CA ILE B 161 10.71 -9.84 -15.19
C ILE B 161 11.00 -10.00 -16.66
N ILE B 162 10.76 -11.20 -17.20
CA ILE B 162 10.95 -11.46 -18.61
C ILE B 162 9.58 -11.71 -19.23
N GLY B 163 9.12 -10.76 -20.05
CA GLY B 163 7.82 -10.87 -20.71
C GLY B 163 7.76 -11.83 -21.89
N ASP B 164 8.48 -12.95 -21.80
CA ASP B 164 8.47 -13.94 -22.87
C ASP B 164 8.71 -15.33 -22.28
N LYS B 165 7.83 -16.29 -22.61
CA LYS B 165 7.89 -17.65 -22.08
C LYS B 165 8.59 -18.64 -23.00
N SER B 166 8.97 -18.22 -24.19
CA SER B 166 9.61 -19.09 -25.16
C SER B 166 11.10 -19.21 -24.83
N VAL B 167 11.87 -19.76 -25.78
CA VAL B 167 13.32 -19.86 -25.61
C VAL B 167 13.99 -18.51 -25.81
N LEU B 168 13.36 -17.62 -26.57
CA LEU B 168 13.86 -16.25 -26.63
C LEU B 168 13.83 -15.62 -25.24
N GLY B 169 12.79 -15.91 -24.49
CA GLY B 169 12.68 -15.43 -23.12
C GLY B 169 13.83 -15.90 -22.24
N LYS B 170 14.11 -17.22 -22.24
CA LYS B 170 15.19 -17.71 -21.41
C LYS B 170 16.51 -17.14 -21.87
N THR B 171 16.66 -16.94 -23.18
CA THR B 171 17.86 -16.28 -23.72
C THR B 171 18.06 -14.91 -23.07
N ILE B 172 17.05 -14.05 -23.13
CA ILE B 172 17.16 -12.73 -22.51
C ILE B 172 17.42 -12.87 -21.02
N GLY B 173 16.80 -13.87 -20.39
CA GLY B 173 16.95 -14.04 -18.95
C GLY B 173 18.37 -14.37 -18.56
N ASP B 174 18.99 -15.31 -19.25
CA ASP B 174 20.36 -15.66 -18.90
C ASP B 174 21.33 -14.52 -19.17
N LEU B 175 21.03 -13.69 -20.15
CA LEU B 175 21.89 -12.53 -20.42
C LEU B 175 21.95 -11.60 -19.21
N PHE B 176 20.83 -11.41 -18.52
CA PHE B 176 20.86 -10.53 -17.37
C PHE B 176 21.45 -11.24 -16.14
N LEU B 177 21.09 -12.50 -15.90
CA LEU B 177 21.65 -13.19 -14.74
C LEU B 177 23.16 -13.23 -14.80
N LYS B 178 23.74 -13.51 -15.98
CA LYS B 178 25.18 -13.65 -16.10
C LYS B 178 25.93 -12.32 -15.98
N ASN B 179 25.21 -11.19 -15.89
CA ASN B 179 25.86 -9.89 -15.77
C ASN B 179 25.49 -9.13 -14.51
N ILE B 180 24.36 -9.42 -13.87
CA ILE B 180 24.07 -8.76 -12.61
C ILE B 180 24.98 -9.31 -11.52
N GLU B 181 25.10 -8.54 -10.42
CA GLU B 181 25.83 -9.01 -9.24
C GLU B 181 24.91 -9.80 -8.32
N LYS B 182 23.71 -9.26 -8.05
CA LYS B 182 22.78 -9.88 -7.12
C LYS B 182 22.58 -11.35 -7.46
N LYS B 183 22.53 -12.18 -6.44
CA LYS B 183 22.50 -13.62 -6.65
C LYS B 183 21.27 -14.24 -5.99
N ASN B 184 20.83 -15.35 -6.58
CA ASN B 184 19.50 -15.93 -6.33
C ASN B 184 18.41 -14.86 -6.47
N VAL B 185 18.54 -14.06 -7.52
CA VAL B 185 17.50 -13.09 -7.84
C VAL B 185 16.22 -13.82 -8.20
N ASP B 186 15.09 -13.25 -7.80
CA ASP B 186 13.82 -13.68 -8.35
C ASP B 186 13.79 -13.35 -9.83
N ILE B 187 13.55 -14.35 -10.68
CA ILE B 187 13.31 -14.11 -12.10
C ILE B 187 11.99 -14.76 -12.46
N PHE B 188 11.08 -13.97 -13.03
CA PHE B 188 9.75 -14.45 -13.40
C PHE B 188 9.57 -14.33 -14.90
N TYR B 189 9.09 -15.41 -15.53
CA TYR B 189 8.82 -15.43 -16.96
C TYR B 189 7.31 -15.43 -17.17
N MET B 190 6.83 -14.57 -18.06
CA MET B 190 5.38 -14.48 -18.26
C MET B 190 5.13 -13.91 -19.64
N ASP B 191 3.87 -13.90 -20.04
CA ASP B 191 3.57 -13.32 -21.35
C ASP B 191 3.80 -11.82 -21.32
N SER B 192 3.78 -11.22 -22.51
CA SER B 192 4.17 -9.81 -22.58
C SER B 192 3.14 -8.87 -21.95
N ASP B 193 1.83 -9.11 -22.11
CA ASP B 193 0.90 -8.18 -21.47
C ASP B 193 1.05 -8.22 -19.95
N GLU B 194 1.34 -9.40 -19.40
CA GLU B 194 1.51 -9.52 -17.95
C GLU B 194 2.73 -8.77 -17.45
N ALA B 195 3.82 -8.79 -18.22
CA ALA B 195 5.02 -8.06 -17.80
C ALA B 195 4.78 -6.57 -17.82
N GLU B 196 4.13 -6.07 -18.88
CA GLU B 196 3.81 -4.65 -18.95
C GLU B 196 2.89 -4.24 -17.81
N SER B 197 1.92 -5.09 -17.48
CA SER B 197 1.09 -4.86 -16.31
C SER B 197 1.92 -4.76 -15.04
N VAL B 198 2.86 -5.68 -14.85
CA VAL B 198 3.65 -5.66 -13.62
C VAL B 198 4.30 -4.30 -13.43
N LYS B 199 4.76 -3.68 -14.52
CA LYS B 199 5.46 -2.40 -14.40
C LYS B 199 4.52 -1.26 -14.09
N LEU B 200 3.44 -1.12 -14.86
CA LEU B 200 2.53 0.00 -14.60
C LEU B 200 1.89 -0.12 -13.22
N PHE B 201 1.55 -1.34 -12.79
CA PHE B 201 0.89 -1.52 -11.50
C PHE B 201 1.87 -1.36 -10.35
N SER B 202 3.13 -1.78 -10.53
CA SER B 202 4.12 -1.57 -9.49
C SER B 202 4.35 -0.09 -9.22
N ASN B 203 4.59 0.69 -10.27
CA ASN B 203 4.74 2.13 -10.10
C ASN B 203 3.46 2.72 -9.52
N THR B 204 2.31 2.20 -9.90
CA THR B 204 1.06 2.74 -9.38
C THR B 204 0.89 2.43 -7.91
N TYR B 205 1.41 1.28 -7.44
CA TYR B 205 1.41 0.98 -6.01
C TYR B 205 2.25 1.99 -5.24
N LEU B 206 3.46 2.27 -5.74
CA LEU B 206 4.34 3.19 -5.05
C LEU B 206 3.74 4.59 -5.00
N ALA B 207 3.15 5.04 -6.12
CA ALA B 207 2.43 6.31 -6.11
C ALA B 207 1.34 6.32 -5.03
N MET B 208 0.58 5.22 -4.95
CA MET B 208 -0.51 5.08 -4.00
C MET B 208 -0.02 5.18 -2.57
N ARG B 209 1.08 4.50 -2.26
CA ARG B 209 1.65 4.56 -0.92
C ARG B 209 2.09 5.99 -0.56
N VAL B 210 2.75 6.70 -1.49
CA VAL B 210 3.11 8.10 -1.22
C VAL B 210 1.86 8.94 -1.05
N GLY B 211 0.86 8.69 -1.90
CA GLY B 211 -0.40 9.40 -1.78
C GLY B 211 -1.07 9.11 -0.45
N PHE B 212 -0.97 7.86 0.01
CA PHE B 212 -1.54 7.51 1.30
C PHE B 212 -0.92 8.32 2.43
N PHE B 213 0.40 8.27 2.56
CA PHE B 213 1.07 8.90 3.69
C PHE B 213 1.01 10.41 3.63
N ASN B 214 0.84 10.99 2.44
CA ASN B 214 0.57 12.42 2.32
C ASN B 214 -0.86 12.76 2.71
N GLU B 215 -1.80 11.83 2.53
CA GLU B 215 -3.13 12.12 3.05
C GLU B 215 -3.13 12.07 4.56
N VAL B 216 -2.32 11.17 5.15
CA VAL B 216 -2.12 11.16 6.58
C VAL B 216 -1.56 12.50 7.04
N ASP B 217 -0.52 12.96 6.36
CA ASP B 217 0.10 14.23 6.75
C ASP B 217 -0.87 15.40 6.58
N SER B 218 -1.61 15.43 5.47
CA SER B 218 -2.65 16.45 5.30
C SER B 218 -3.64 16.41 6.45
N TYR B 219 -4.13 15.22 6.79
CA TYR B 219 -5.08 15.12 7.88
C TYR B 219 -4.47 15.64 9.18
N ALA B 220 -3.27 15.18 9.51
CA ALA B 220 -2.60 15.63 10.72
C ALA B 220 -2.46 17.15 10.73
N ARG B 221 -2.13 17.74 9.59
CA ARG B 221 -1.94 19.19 9.53
C ARG B 221 -3.25 19.93 9.75
N LYS B 222 -4.33 19.44 9.15
CA LYS B 222 -5.61 20.10 9.34
C LYS B 222 -6.10 20.05 10.80
N HIS B 223 -5.64 19.10 11.59
CA HIS B 223 -6.11 18.95 12.98
C HIS B 223 -4.96 19.14 13.95
N ASN B 224 -3.79 19.47 13.43
CA ASN B 224 -2.66 19.96 14.19
C ASN B 224 -2.18 18.87 15.14
N LEU B 225 -2.13 17.67 14.60
CA LEU B 225 -1.62 16.45 15.19
C LEU B 225 -0.19 16.22 14.73
N ASN B 226 0.50 15.34 15.45
CA ASN B 226 1.90 15.03 15.17
C ASN B 226 1.96 13.99 14.05
N SER B 227 2.42 14.39 12.85
CA SER B 227 2.52 13.46 11.72
C SER B 227 3.50 12.33 12.01
N ALA B 228 4.69 12.67 12.51
CA ALA B 228 5.71 11.65 12.74
C ALA B 228 5.17 10.53 13.61
N ASP B 229 4.52 10.89 14.72
CA ASP B 229 3.92 9.91 15.63
C ASP B 229 2.98 8.97 14.89
N ILE B 230 2.05 9.52 14.13
CA ILE B 230 1.06 8.70 13.45
C ILE B 230 1.72 7.80 12.42
N ILE B 231 2.62 8.36 11.61
CA ILE B 231 3.23 7.56 10.58
C ILE B 231 4.12 6.48 11.18
N LYS B 232 4.85 6.83 12.25
CA LYS B 232 5.67 5.82 12.93
C LYS B 232 4.79 4.71 13.48
N GLY B 233 3.63 5.06 14.04
CA GLY B 233 2.74 4.05 14.58
C GLY B 233 2.18 3.15 13.48
N ILE B 234 1.71 3.75 12.39
CA ILE B 234 1.23 2.97 11.26
C ILE B 234 2.32 2.02 10.78
N SER B 235 3.53 2.56 10.57
CA SER B 235 4.56 1.83 9.84
C SER B 235 5.15 0.66 10.62
N ALA B 236 4.87 0.57 11.93
CA ALA B 236 5.38 -0.52 12.75
C ALA B 236 4.61 -1.82 12.52
N ASP B 237 3.45 -1.77 11.89
CA ASP B 237 2.88 -2.99 11.32
C ASP B 237 3.77 -3.47 10.18
N ASP B 238 4.33 -4.68 10.34
CA ASP B 238 5.24 -5.22 9.33
C ASP B 238 4.57 -5.40 7.98
N ARG B 239 3.25 -5.47 7.94
CA ARG B 239 2.55 -5.55 6.67
C ARG B 239 2.54 -4.21 5.95
N ILE B 240 2.98 -3.16 6.61
CA ILE B 240 3.00 -1.81 6.05
C ILE B 240 4.43 -1.35 5.85
N GLY B 241 5.21 -1.31 6.94
CA GLY B 241 6.66 -1.30 6.91
C GLY B 241 7.25 0.10 7.06
N LYS B 242 8.47 0.15 7.61
CA LYS B 242 9.19 1.40 7.92
C LYS B 242 10.13 1.81 6.78
N TYR B 243 9.54 2.33 5.71
CA TYR B 243 10.25 2.76 4.51
C TYR B 243 9.24 3.43 3.60
N TYR B 244 9.74 4.23 2.67
CA TYR B 244 8.94 4.75 1.56
C TYR B 244 7.62 5.30 2.08
N ASN B 245 7.75 6.15 3.10
CA ASN B 245 6.58 6.60 3.85
C ASN B 245 6.80 8.01 4.39
N ASN B 246 7.69 8.77 3.76
CA ASN B 246 8.02 10.13 4.18
C ASN B 246 7.18 11.14 3.42
N PRO B 247 6.33 11.91 4.08
CA PRO B 247 5.47 12.85 3.34
C PRO B 247 6.29 13.90 2.61
N SER B 248 5.64 14.54 1.66
CA SER B 248 6.30 15.42 0.68
C SER B 248 5.26 16.39 0.15
N PHE B 249 5.67 17.18 -0.83
CA PHE B 249 4.73 18.03 -1.54
C PHE B 249 3.88 17.26 -2.53
N GLY B 250 4.18 15.98 -2.72
CA GLY B 250 3.47 15.13 -3.67
C GLY B 250 4.48 14.28 -4.41
N TYR B 251 3.97 13.20 -5.04
CA TYR B 251 4.86 12.39 -5.83
C TYR B 251 5.00 13.01 -7.22
N GLY B 252 6.19 12.86 -7.78
CA GLY B 252 6.46 13.34 -9.11
C GLY B 252 7.61 12.55 -9.70
N GLY B 253 8.48 13.24 -10.45
CA GLY B 253 9.52 12.57 -11.19
C GLY B 253 9.06 12.26 -12.60
N TYR B 254 9.93 11.53 -13.30
CA TYR B 254 9.75 11.29 -14.72
C TYR B 254 8.62 10.29 -15.00
N CYS B 255 8.43 9.31 -14.12
CA CYS B 255 7.64 8.16 -14.51
C CYS B 255 6.36 7.97 -13.71
N LEU B 256 6.39 8.08 -12.37
CA LEU B 256 5.16 7.85 -11.61
C LEU B 256 3.99 8.68 -12.10
N PRO B 257 4.09 9.99 -12.30
CA PRO B 257 2.92 10.72 -12.81
C PRO B 257 2.45 10.23 -14.17
N LYS B 258 3.38 9.84 -15.06
CA LYS B 258 3.00 9.35 -16.39
C LYS B 258 2.34 7.97 -16.31
N ASP B 259 2.95 7.07 -15.54
CA ASP B 259 2.47 5.69 -15.53
C ASP B 259 1.13 5.57 -14.81
N THR B 260 0.89 6.37 -13.76
CA THR B 260 -0.42 6.34 -13.12
C THR B 260 -1.50 6.86 -14.06
N LYS B 261 -1.20 7.93 -14.82
CA LYS B 261 -2.20 8.42 -15.77
C LYS B 261 -2.42 7.44 -16.91
N GLN B 262 -1.35 6.76 -17.35
CA GLN B 262 -1.42 5.61 -18.25
C GLN B 262 -2.50 4.63 -17.81
N LEU B 263 -2.26 3.98 -16.67
CA LEU B 263 -3.16 2.95 -16.16
C LEU B 263 -4.58 3.49 -16.00
N LEU B 264 -4.71 4.76 -15.61
CA LEU B 264 -6.03 5.36 -15.47
C LEU B 264 -6.75 5.46 -16.80
N ALA B 265 -6.00 5.63 -17.90
CA ALA B 265 -6.61 5.58 -19.22
C ALA B 265 -7.26 4.23 -19.48
N ASN B 266 -6.66 3.15 -18.94
CA ASN B 266 -7.28 1.83 -19.00
C ASN B 266 -8.51 1.71 -18.08
N PHE B 267 -8.60 2.51 -17.02
CA PHE B 267 -9.63 2.35 -16.00
C PHE B 267 -10.77 3.37 -16.14
N TYR B 268 -11.12 3.77 -17.36
CA TYR B 268 -12.21 4.72 -17.54
C TYR B 268 -13.56 3.99 -17.55
N ASN B 269 -14.64 4.77 -17.42
CA ASN B 269 -16.01 4.23 -17.40
C ASN B 269 -16.25 3.22 -16.27
N ILE B 270 -15.51 3.33 -15.18
CA ILE B 270 -15.96 2.72 -13.93
C ILE B 270 -16.14 3.85 -12.92
N PRO B 271 -17.11 3.74 -11.99
CA PRO B 271 -17.55 4.93 -11.22
C PRO B 271 -16.44 5.64 -10.48
N ASN B 272 -15.60 4.89 -9.77
CA ASN B 272 -14.39 5.39 -9.12
C ASN B 272 -13.38 4.26 -9.21
N SER B 273 -12.22 4.44 -8.58
CA SER B 273 -11.23 3.39 -8.48
C SER B 273 -10.07 3.93 -7.66
N LEU B 274 -9.33 3.04 -7.00
CA LEU B 274 -8.04 3.42 -6.43
C LEU B 274 -7.18 4.08 -7.49
N ILE B 275 -7.26 3.60 -8.72
CA ILE B 275 -6.38 4.08 -9.76
C ILE B 275 -6.68 5.54 -10.08
N LYS B 276 -7.96 5.90 -10.10
CA LYS B 276 -8.31 7.30 -10.31
C LYS B 276 -7.89 8.17 -9.11
N ALA B 277 -8.16 7.70 -7.89
CA ALA B 277 -7.82 8.51 -6.72
C ALA B 277 -6.31 8.67 -6.56
N ILE B 278 -5.54 7.67 -6.99
CA ILE B 278 -4.09 7.77 -6.88
C ILE B 278 -3.60 8.98 -7.64
N VAL B 279 -4.21 9.26 -8.79
CA VAL B 279 -3.90 10.46 -9.55
C VAL B 279 -4.50 11.69 -8.88
N GLU B 280 -5.78 11.63 -8.52
CA GLU B 280 -6.43 12.85 -8.05
C GLU B 280 -5.92 13.28 -6.67
N THR B 281 -5.53 12.33 -5.79
CA THR B 281 -5.11 12.77 -4.46
C THR B 281 -3.81 13.56 -4.53
N ASN B 282 -3.01 13.31 -5.55
CA ASN B 282 -1.73 14.00 -5.67
C ASN B 282 -1.94 15.46 -6.00
N GLU B 283 -2.90 15.76 -6.88
CA GLU B 283 -3.19 17.16 -7.19
C GLU B 283 -3.82 17.88 -6.00
N ILE B 284 -4.73 17.21 -5.27
CA ILE B 284 -5.27 17.80 -4.06
C ILE B 284 -4.17 18.07 -3.05
N ARG B 285 -3.22 17.14 -2.91
CA ARG B 285 -2.15 17.37 -1.94
C ARG B 285 -1.31 18.58 -2.33
N LYS B 286 -1.03 18.73 -3.63
CA LYS B 286 -0.25 19.87 -4.09
C LYS B 286 -0.99 21.18 -3.90
N LYS B 287 -2.29 21.20 -4.17
CA LYS B 287 -3.05 22.42 -3.92
C LYS B 287 -3.16 22.71 -2.41
N PHE B 288 -3.23 21.67 -1.58
CA PHE B 288 -3.27 21.89 -0.14
C PHE B 288 -1.93 22.45 0.36
N ILE B 289 -0.81 21.92 -0.13
CA ILE B 289 0.49 22.50 0.22
C ILE B 289 0.54 23.97 -0.16
N THR B 290 0.09 24.28 -1.38
CA THR B 290 0.05 25.66 -1.84
C THR B 290 -0.80 26.53 -0.93
N GLN B 291 -2.02 26.09 -0.61
CA GLN B 291 -2.86 26.87 0.30
C GLN B 291 -2.16 27.12 1.62
N LEU B 292 -1.42 26.12 2.13
CA LEU B 292 -0.72 26.30 3.40
C LEU B 292 0.36 27.37 3.28
N ILE B 293 1.02 27.46 2.13
CA ILE B 293 2.06 28.48 1.95
C ILE B 293 1.43 29.86 1.89
N LEU B 294 0.33 29.97 1.14
CA LEU B 294 -0.38 31.24 1.01
C LEU B 294 -0.84 31.76 2.35
N GLU B 295 -1.35 30.87 3.21
CA GLU B 295 -1.84 31.30 4.51
C GLU B 295 -0.73 31.90 5.37
N LYS B 296 0.53 31.53 5.12
CA LYS B 296 1.63 32.21 5.79
C LYS B 296 1.89 33.60 5.21
N LYS B 297 1.25 33.93 4.09
CA LYS B 297 1.25 35.26 3.51
C LYS B 297 2.65 35.86 3.26
N PRO B 298 3.59 35.09 2.70
CA PRO B 298 4.91 35.66 2.44
C PRO B 298 4.84 36.68 1.32
N ASN B 299 5.76 37.64 1.34
CA ASN B 299 5.83 38.57 0.24
C ASN B 299 6.85 38.15 -0.80
N ILE B 300 7.93 37.51 -0.36
CA ILE B 300 8.97 37.00 -1.24
C ILE B 300 9.25 35.58 -0.77
N LEU B 301 9.17 34.63 -1.69
CA LEU B 301 9.25 33.22 -1.34
C LEU B 301 10.44 32.61 -2.05
N GLY B 302 11.29 31.91 -1.29
CA GLY B 302 12.40 31.18 -1.85
C GLY B 302 12.05 29.72 -2.02
N ILE B 303 12.29 29.21 -3.23
CA ILE B 303 12.13 27.79 -3.54
C ILE B 303 13.50 27.15 -3.43
N TYR B 304 13.68 26.28 -2.45
CA TYR B 304 14.99 25.66 -2.24
C TYR B 304 15.08 24.37 -3.03
N ARG B 305 15.86 24.40 -4.11
CA ARG B 305 16.09 23.27 -5.02
C ARG B 305 14.86 23.00 -5.88
N LEU B 306 15.07 22.80 -7.18
CA LEU B 306 14.02 22.31 -8.06
C LEU B 306 13.97 20.78 -8.09
N ILE B 307 14.97 20.11 -7.52
CA ILE B 307 14.92 18.66 -7.39
C ILE B 307 14.04 18.26 -6.19
N MET B 308 13.65 16.99 -6.16
CA MET B 308 12.77 16.48 -5.11
C MET B 308 13.53 15.79 -3.98
N LYS B 309 14.30 14.74 -4.30
CA LYS B 309 15.17 14.10 -3.33
C LYS B 309 16.59 14.62 -3.53
N GLN B 310 17.39 14.56 -2.47
CA GLN B 310 18.69 15.22 -2.55
C GLN B 310 19.73 14.42 -3.33
N ASN B 311 19.48 13.13 -3.59
CA ASN B 311 20.36 12.33 -4.45
C ASN B 311 19.81 12.29 -5.87
N SER B 312 19.60 13.48 -6.45
CA SER B 312 18.94 13.60 -7.74
C SER B 312 19.70 14.56 -8.66
N ASP B 313 19.79 14.16 -9.93
CA ASP B 313 20.44 14.93 -10.99
C ASP B 313 19.50 15.98 -11.57
N ASN B 314 18.20 15.70 -11.62
CA ASN B 314 17.30 16.43 -12.49
C ASN B 314 16.02 16.77 -11.74
N PHE B 315 15.25 17.66 -12.37
CA PHE B 315 13.97 18.11 -11.86
C PHE B 315 12.86 17.92 -12.89
N ARG B 316 13.12 17.08 -13.89
CA ARG B 316 12.09 16.71 -14.86
C ARG B 316 10.84 16.27 -14.11
N ASN B 317 9.78 17.07 -14.22
CA ASN B 317 8.49 16.78 -13.60
C ASN B 317 8.61 16.69 -12.08
N SER B 318 9.47 17.53 -11.51
CA SER B 318 9.58 17.65 -10.08
C SER B 318 8.31 18.24 -9.49
N VAL B 319 7.86 17.69 -8.36
CA VAL B 319 6.67 18.24 -7.74
C VAL B 319 6.85 19.72 -7.39
N ILE B 320 8.08 20.14 -7.11
CA ILE B 320 8.18 21.51 -6.58
C ILE B 320 7.98 22.51 -7.71
N ILE B 321 8.19 22.10 -8.96
CA ILE B 321 7.80 22.92 -10.11
C ILE B 321 6.28 23.02 -10.21
N ASP B 322 5.56 21.93 -9.93
CA ASP B 322 4.10 22.03 -9.83
C ASP B 322 3.69 23.00 -8.73
N ILE B 323 4.39 23.00 -7.62
CA ILE B 323 4.08 23.96 -6.56
C ILE B 323 4.29 25.39 -7.05
N ILE B 324 5.36 25.63 -7.80
CA ILE B 324 5.60 26.96 -8.37
C ILE B 324 4.42 27.39 -9.24
N LYS B 325 3.95 26.49 -10.10
CA LYS B 325 2.86 26.85 -11.02
C LYS B 325 1.57 27.11 -10.24
N TYR B 326 1.31 26.33 -9.20
CA TYR B 326 0.14 26.62 -8.36
C TYR B 326 0.29 27.95 -7.64
N LEU B 327 1.48 28.25 -7.11
CA LEU B 327 1.69 29.55 -6.49
C LEU B 327 1.46 30.67 -7.49
N GLN B 328 1.96 30.49 -8.72
CA GLN B 328 1.81 31.53 -9.73
C GLN B 328 0.36 31.71 -10.13
N GLU B 329 -0.42 30.62 -10.11
CA GLU B 329 -1.82 30.71 -10.49
C GLU B 329 -2.65 31.38 -9.40
N TYR B 330 -2.41 31.04 -8.13
CA TYR B 330 -3.28 31.54 -7.06
C TYR B 330 -2.83 32.88 -6.48
N ASN B 331 -1.60 33.32 -6.75
CA ASN B 331 -1.15 34.62 -6.26
C ASN B 331 0.14 35.02 -6.94
N SER B 332 0.05 35.48 -8.19
CA SER B 332 1.25 35.92 -8.89
C SER B 332 1.92 37.11 -8.24
N ASN B 333 1.28 37.73 -7.23
CA ASN B 333 1.89 38.86 -6.54
C ASN B 333 3.00 38.43 -5.58
N ILE B 334 3.03 37.16 -5.20
CA ILE B 334 4.14 36.66 -4.38
C ILE B 334 5.37 36.52 -5.26
N GLU B 335 6.42 37.29 -4.95
CA GLU B 335 7.66 37.19 -5.71
C GLU B 335 8.36 35.88 -5.38
N LEU B 336 8.66 35.08 -6.40
CA LEU B 336 9.33 33.79 -6.22
C LEU B 336 10.80 33.91 -6.60
N ILE B 337 11.65 33.23 -5.83
CA ILE B 337 13.09 33.19 -6.05
C ILE B 337 13.52 31.75 -5.93
N ILE B 338 14.27 31.26 -6.91
CA ILE B 338 14.72 29.88 -6.93
C ILE B 338 16.19 29.83 -6.53
N TYR B 339 16.54 28.91 -5.63
CA TYR B 339 17.92 28.49 -5.43
C TYR B 339 18.08 27.11 -6.06
N GLU B 340 18.81 27.05 -7.17
CA GLU B 340 19.01 25.79 -7.88
C GLU B 340 20.33 25.89 -8.64
N PRO B 341 21.42 25.37 -8.06
CA PRO B 341 22.73 25.40 -8.75
C PRO B 341 22.73 24.77 -10.14
N LEU B 342 21.90 23.76 -10.41
CA LEU B 342 21.93 23.12 -11.72
C LEU B 342 21.47 24.07 -12.82
N VAL B 343 20.74 25.13 -12.50
CA VAL B 343 20.24 26.04 -13.53
C VAL B 343 21.26 27.16 -13.71
N LYS B 344 21.79 27.30 -14.93
CA LYS B 344 22.79 28.32 -15.24
C LYS B 344 22.17 29.64 -15.67
N GLU B 345 21.01 29.62 -16.32
CA GLU B 345 20.28 30.84 -16.61
C GLU B 345 19.70 31.41 -15.33
N LYS B 346 19.48 32.73 -15.30
CA LYS B 346 18.99 33.37 -14.09
C LYS B 346 17.50 33.65 -14.15
N LYS B 347 16.78 33.03 -15.08
CA LYS B 347 15.31 32.97 -15.07
C LYS B 347 14.88 31.57 -15.51
N PHE B 348 14.22 30.84 -14.62
CA PHE B 348 13.60 29.56 -14.95
C PHE B 348 12.11 29.76 -14.83
N LEU B 349 11.38 29.54 -15.93
CA LEU B 349 9.93 29.73 -15.94
C LEU B 349 9.57 31.15 -15.54
N ASN B 350 10.37 32.12 -16.00
CA ASN B 350 10.20 33.54 -15.70
C ASN B 350 10.42 33.87 -14.22
N ILE B 351 11.07 32.99 -13.47
CA ILE B 351 11.34 33.21 -12.04
C ILE B 351 12.84 33.41 -11.88
N LYS B 352 13.21 34.46 -11.12
CA LYS B 352 14.61 34.74 -10.87
C LYS B 352 15.28 33.55 -10.18
N VAL B 353 16.50 33.24 -10.61
CA VAL B 353 17.32 32.25 -9.95
C VAL B 353 18.44 32.98 -9.20
N GLU B 354 18.67 32.58 -7.95
CA GLU B 354 19.68 33.19 -7.10
C GLU B 354 20.55 32.08 -6.53
N ASN B 355 21.71 31.85 -7.13
CA ASN B 355 22.54 30.74 -6.71
C ASN B 355 23.60 31.14 -5.68
N ASP B 356 23.52 32.35 -5.12
CA ASP B 356 24.23 32.71 -3.90
C ASP B 356 23.30 32.40 -2.73
N PHE B 357 23.62 31.34 -1.97
CA PHE B 357 22.71 30.84 -0.94
C PHE B 357 22.51 31.88 0.15
N ASN B 358 23.60 32.54 0.56
CA ASN B 358 23.46 33.57 1.59
C ASN B 358 22.55 34.69 1.12
N VAL B 359 22.72 35.15 -0.12
CA VAL B 359 21.80 36.17 -0.64
C VAL B 359 20.38 35.62 -0.71
N PHE B 360 20.23 34.34 -1.06
CA PHE B 360 18.89 33.77 -1.21
C PHE B 360 18.18 33.66 0.14
N GLY B 361 18.87 33.12 1.15
CA GLY B 361 18.26 32.99 2.46
C GLY B 361 17.90 34.33 3.09
N ALA B 362 18.68 35.37 2.81
CA ALA B 362 18.43 36.69 3.38
C ALA B 362 17.31 37.41 2.64
N LYS B 363 17.22 37.20 1.33
CA LYS B 363 16.25 37.89 0.48
C LYS B 363 14.80 37.52 0.77
N VAL B 364 14.55 36.31 1.26
CA VAL B 364 13.20 35.75 1.21
C VAL B 364 12.56 35.78 2.60
N ASP B 365 11.22 35.90 2.61
CA ASP B 365 10.45 35.77 3.86
C ASP B 365 10.43 34.33 4.34
N LEU B 366 10.32 33.39 3.40
CA LEU B 366 9.98 32.00 3.70
C LEU B 366 10.62 31.13 2.64
N ILE B 367 11.15 29.98 3.07
CA ILE B 367 11.80 29.02 2.18
C ILE B 367 10.96 27.74 2.18
N ILE B 368 10.63 27.22 1.00
CA ILE B 368 9.98 25.92 0.90
C ILE B 368 10.96 24.94 0.27
N ALA B 369 11.09 23.78 0.89
CA ALA B 369 11.99 22.73 0.45
C ALA B 369 11.25 21.41 0.59
N ASN B 370 11.33 20.57 -0.43
CA ASN B 370 10.64 19.29 -0.31
C ASN B 370 11.28 18.45 0.80
N ARG B 371 12.62 18.42 0.86
CA ARG B 371 13.35 17.68 1.88
C ARG B 371 14.35 18.62 2.55
N PHE B 372 14.49 18.46 3.87
CA PHE B 372 15.54 19.18 4.59
C PHE B 372 16.92 18.65 4.22
N ASP B 373 17.92 19.50 4.38
CA ASP B 373 19.32 19.06 4.38
C ASP B 373 20.06 19.91 5.40
N ASP B 374 21.30 19.51 5.69
CA ASP B 374 22.09 20.24 6.67
C ASP B 374 22.28 21.71 6.28
N LYS B 375 22.46 21.97 4.98
CA LYS B 375 22.64 23.35 4.54
C LYS B 375 21.45 24.22 4.92
N LEU B 376 20.27 23.64 5.06
CA LEU B 376 19.11 24.41 5.49
C LEU B 376 19.08 24.63 7.00
N LYS B 377 19.87 23.89 7.78
CA LYS B 377 19.64 23.87 9.21
C LYS B 377 19.90 25.23 9.85
N GLU B 378 20.87 25.98 9.34
CA GLU B 378 21.18 27.29 9.92
C GLU B 378 19.94 28.18 9.97
N ILE B 379 19.11 28.11 8.95
CA ILE B 379 17.91 28.94 8.81
C ILE B 379 16.68 28.07 8.88
N LYS B 380 16.77 26.95 9.60
CA LYS B 380 15.64 26.07 9.84
C LYS B 380 14.34 26.84 10.05
N ASP B 381 14.42 27.98 10.73
CA ASP B 381 13.25 28.66 11.26
C ASP B 381 12.38 29.31 10.18
N LYS B 382 12.93 29.62 9.01
CA LYS B 382 12.11 30.18 7.94
C LYS B 382 11.76 29.14 6.88
N VAL B 383 11.95 27.85 7.18
CA VAL B 383 11.79 26.78 6.20
C VAL B 383 10.46 26.09 6.39
N PHE B 384 9.72 25.91 5.29
CA PHE B 384 8.52 25.08 5.27
C PHE B 384 8.80 23.81 4.48
N SER B 385 8.56 22.66 5.10
CA SER B 385 8.76 21.36 4.47
C SER B 385 7.81 20.35 5.09
N ALA B 386 7.41 19.35 4.30
CA ALA B 386 6.62 18.23 4.83
C ALA B 386 7.51 17.06 5.22
N ASP B 387 8.82 17.23 5.08
CA ASP B 387 9.77 16.19 5.42
C ASP B 387 9.67 15.83 6.90
N VAL B 388 9.51 14.54 7.17
CA VAL B 388 9.32 14.04 8.54
C VAL B 388 10.51 13.22 9.02
N PHE B 389 10.99 12.28 8.21
CA PHE B 389 12.09 11.40 8.61
C PHE B 389 13.45 11.88 8.14
N TYR B 390 13.50 12.97 7.38
CA TYR B 390 14.75 13.53 6.87
C TYR B 390 15.51 12.46 6.09
N THR B 391 14.84 11.89 5.10
CA THR B 391 15.42 10.84 4.26
C THR B 391 16.28 11.46 3.16
N1 UPG C . -7.90 -10.14 2.78
C2 UPG C . -7.77 -10.45 1.34
N3 UPG C . -6.44 -10.77 0.75
C4 UPG C . -5.27 -10.82 1.61
C5 UPG C . -5.42 -10.51 3.05
C6 UPG C . -6.74 -10.17 3.62
O2 UPG C . -8.75 -10.41 0.65
O4 UPG C . -4.20 -11.08 1.13
C1C UPG C . -9.20 -9.85 3.32
C2C UPG C . -9.57 -10.78 4.22
O2C UPG C . -10.25 -11.92 3.61
C3C UPG C . -10.58 -9.98 5.19
C4C UPG C . -10.08 -8.71 5.35
O4C UPG C . -9.09 -8.53 4.19
O3C UPG C . -11.85 -9.88 4.57
C5C UPG C . -9.36 -8.56 6.68
O5C UPG C . -8.35 -9.52 6.69
PA UPG C . -7.37 -9.76 7.98
O1A UPG C . -6.67 -8.43 8.29
O2A UPG C . -6.35 -10.81 7.65
O3A UPG C . -8.23 -10.27 9.31
PB UPG C . -8.86 -9.33 10.53
O1B UPG C . -10.06 -8.60 9.99
O2B UPG C . -9.27 -10.28 11.61
O3B UPG C . -7.75 -8.19 11.13
C1' UPG C . -7.74 -6.92 10.66
C2' UPG C . -6.31 -6.44 10.80
C3' UPG C . -5.92 -6.38 12.23
C4' UPG C . -6.81 -5.46 12.98
C5' UPG C . -8.30 -5.74 12.80
C6' UPG C . -8.82 -4.35 13.14
O2' UPG C . -5.43 -7.38 10.15
O3' UPG C . -4.59 -5.84 12.35
O4' UPG C . -6.53 -5.55 14.38
O5' UPG C . -8.72 -6.07 11.46
O6' UPG C . -9.73 -4.34 14.20
PA NAD D . -17.52 -8.76 19.85
O1A NAD D . -18.87 -8.33 19.37
O2A NAD D . -17.29 -10.19 19.48
O5B NAD D . -17.47 -8.60 21.50
C5B NAD D . -18.55 -7.88 22.01
C4B NAD D . -18.79 -8.36 23.47
O4B NAD D . -18.93 -7.29 24.22
C3B NAD D . -20.13 -9.11 23.46
O3B NAD D . -20.02 -10.28 24.14
C2B NAD D . -21.11 -8.13 24.15
O2B NAD D . -22.19 -8.91 24.83
C1B NAD D . -20.33 -7.51 24.98
N9A NAD D . -20.93 -6.26 25.45
C8A NAD D . -21.72 -5.51 24.68
N7A NAD D . -22.12 -4.46 25.42
C5A NAD D . -21.56 -4.57 26.63
C6A NAD D . -21.65 -3.78 27.75
N6A NAD D . -22.43 -2.55 27.83
N1A NAD D . -20.99 -4.11 28.85
C2A NAD D . -20.24 -5.24 28.87
N3A NAD D . -20.15 -6.02 27.78
C4A NAD D . -20.83 -5.68 26.67
O3 NAD D . -16.40 -7.72 19.25
PN NAD D . -14.79 -7.94 19.24
O1N NAD D . -14.44 -8.88 18.09
O2N NAD D . -14.22 -8.50 20.51
O5D NAD D . -14.16 -6.46 19.01
C5D NAD D . -14.57 -5.45 19.85
C4D NAD D . -13.97 -4.17 19.40
O4D NAD D . -12.68 -4.29 19.43
C3D NAD D . -14.39 -3.92 17.81
O3D NAD D . -15.69 -3.21 17.78
C2D NAD D . -13.48 -3.24 17.32
O2D NAD D . -13.81 -1.79 17.61
C1D NAD D . -12.17 -3.62 18.18
N1N NAD D . -11.26 -4.44 17.59
C2N NAD D . -11.64 -5.63 17.03
C3N NAD D . -10.70 -6.47 16.42
C7N NAD D . -11.23 -7.80 15.77
O7N NAD D . -10.57 -8.41 15.00
N7N NAD D . -12.54 -8.32 16.13
C4N NAD D . -9.39 -6.12 16.40
C5N NAD D . -8.98 -4.94 16.99
C6N NAD D . -9.94 -4.09 17.58
N1 UPG E . 8.41 9.99 -2.60
C2 UPG E . 7.87 10.64 -1.37
N3 UPG E . 8.06 10.00 -0.05
C4 UPG E . 8.81 8.76 0.06
C5 UPG E . 9.36 8.13 -1.18
C6 UPG E . 9.17 8.75 -2.52
O2 UPG E . 7.25 11.66 -1.47
O4 UPG E . 8.96 8.27 1.14
C1C UPG E . 8.23 10.64 -3.86
C2C UPG E . 9.45 10.89 -4.37
O2C UPG E . 9.98 12.17 -3.95
C3C UPG E . 9.17 10.92 -5.96
C4C UPG E . 8.32 9.88 -6.22
O4C UPG E . 7.60 9.62 -4.89
O3C UPG E . 8.50 12.15 -6.20
C5C UPG E . 9.05 8.60 -6.66
O5C UPG E . 10.22 8.47 -5.90
PA UPG E . 11.18 7.15 -6.01
O1A UPG E . 10.29 5.92 -6.22
O2A UPG E . 12.00 7.02 -4.75
O3A UPG E . 12.27 7.34 -7.28
PB UPG E . 11.99 7.18 -8.92
O1B UPG E . 10.82 8.03 -9.31
O2B UPG E . 13.21 7.61 -9.68
O3B UPG E . 11.71 5.54 -9.25
C1' UPG E . 10.42 5.16 -9.28
C2' UPG E . 10.39 3.71 -8.80
C3' UPG E . 11.27 2.90 -9.65
C4' UPG E . 10.84 3.00 -11.09
C5' UPG E . 10.93 4.48 -11.52
C6' UPG E . 10.45 4.68 -12.94
O2' UPG E . 10.91 3.67 -7.45
O3' UPG E . 11.24 1.52 -9.16
O4' UPG E . 11.64 2.16 -11.93
O5' UPG E . 10.03 5.28 -10.71
O6' UPG E . 9.80 3.52 -13.45
PA NAD F . 15.89 9.91 -20.90
O1A NAD F . 14.81 10.92 -21.21
O2A NAD F . 16.74 10.29 -19.71
O5B NAD F . 16.87 9.67 -22.20
C5B NAD F . 16.38 8.81 -23.21
C4B NAD F . 17.43 8.93 -24.38
O4B NAD F . 16.91 8.42 -25.48
C3B NAD F . 17.71 10.39 -24.67
O3B NAD F . 19.04 10.62 -24.54
C2B NAD F . 17.27 10.59 -26.16
O2B NAD F . 18.26 11.50 -26.83
C1B NAD F . 17.40 9.42 -26.65
N9A NAD F . 16.57 9.15 -27.82
C8A NAD F . 15.39 9.74 -28.00
N7A NAD F . 14.87 9.25 -29.15
C5A NAD F . 15.75 8.37 -29.67
C6A NAD F . 15.73 7.61 -30.82
N6A NAD F . 14.67 7.57 -31.82
N1A NAD F . 16.74 6.80 -31.09
C2A NAD F . 17.81 6.74 -30.24
N3A NAD F . 17.84 7.50 -29.12
C4A NAD F . 16.80 8.31 -28.84
O3 NAD F . 15.20 8.46 -20.69
PN NAD F . 15.18 7.67 -19.26
O1N NAD F . 14.89 8.65 -18.17
O2N NAD F . 16.46 6.90 -18.98
O5D NAD F . 13.99 6.56 -19.37
C5D NAD F . 13.68 6.03 -20.60
C4D NAD F . 12.44 5.22 -20.43
O4D NAD F . 12.71 4.23 -19.61
C3D NAD F . 11.25 6.11 -19.70
O3D NAD F . 10.55 6.96 -20.68
C2D NAD F . 10.50 5.25 -19.21
O2D NAD F . 9.72 4.66 -20.38
C1D NAD F . 11.52 4.10 -18.70
N1N NAD F . 11.96 4.09 -17.41
C2N NAD F . 12.52 5.17 -16.77
C3N NAD F . 12.97 5.06 -15.45
C7N NAD F . 13.60 6.31 -14.74
O7N NAD F . 14.00 6.26 -13.61
N7N NAD F . 13.68 7.59 -15.44
C4N NAD F . 12.86 3.86 -14.80
C5N NAD F . 12.30 2.76 -15.43
C6N NAD F . 11.86 2.90 -16.74
#